data_4MSR
# 
_entry.id   4MSR 
# 
_audit_conform.dict_name       mmcif_pdbx.dic 
_audit_conform.dict_version    5.387 
_audit_conform.dict_location   http://mmcif.pdb.org/dictionaries/ascii/mmcif_pdbx.dic 
# 
loop_
_database_2.database_id 
_database_2.database_code 
_database_2.pdbx_database_accession 
_database_2.pdbx_DOI 
PDB   4MSR         pdb_00004msr 10.2210/pdb4msr/pdb 
NDB   NA2739       ?            ?                   
RCSB  RCSB082319   ?            ?                   
WWPDB D_1000082319 ?            ?                   
# 
loop_
_pdbx_audit_revision_history.ordinal 
_pdbx_audit_revision_history.data_content_type 
_pdbx_audit_revision_history.major_revision 
_pdbx_audit_revision_history.minor_revision 
_pdbx_audit_revision_history.revision_date 
1 'Structure model' 1 0 2014-02-12 
2 'Structure model' 1 1 2014-03-19 
3 'Structure model' 1 2 2018-01-24 
4 'Structure model' 1 3 2024-02-28 
# 
_pdbx_audit_revision_details.ordinal             1 
_pdbx_audit_revision_details.revision_ordinal    1 
_pdbx_audit_revision_details.data_content_type   'Structure model' 
_pdbx_audit_revision_details.provider            repository 
_pdbx_audit_revision_details.type                'Initial release' 
_pdbx_audit_revision_details.description         ? 
_pdbx_audit_revision_details.details             ? 
# 
loop_
_pdbx_audit_revision_group.ordinal 
_pdbx_audit_revision_group.revision_ordinal 
_pdbx_audit_revision_group.data_content_type 
_pdbx_audit_revision_group.group 
1 2 'Structure model' 'Database references'  
2 3 'Structure model' Advisory               
3 3 'Structure model' 'Structure summary'    
4 4 'Structure model' 'Data collection'      
5 4 'Structure model' 'Database references'  
6 4 'Structure model' 'Derived calculations' 
# 
loop_
_pdbx_audit_revision_category.ordinal 
_pdbx_audit_revision_category.revision_ordinal 
_pdbx_audit_revision_category.data_content_type 
_pdbx_audit_revision_category.category 
1  3 'Structure model' audit_author                  
2  3 'Structure model' pdbx_validate_polymer_linkage 
3  4 'Structure model' chem_comp_atom                
4  4 'Structure model' chem_comp_bond                
5  4 'Structure model' database_2                    
6  4 'Structure model' pdbx_struct_conn_angle        
7  4 'Structure model' pdbx_struct_special_symmetry  
8  4 'Structure model' struct_conn                   
9  4 'Structure model' struct_conn_type              
10 4 'Structure model' struct_site                   
# 
loop_
_pdbx_audit_revision_item.ordinal 
_pdbx_audit_revision_item.revision_ordinal 
_pdbx_audit_revision_item.data_content_type 
_pdbx_audit_revision_item.item 
1  3 'Structure model' '_audit_author.name'                          
2  4 'Structure model' '_database_2.pdbx_DOI'                        
3  4 'Structure model' '_database_2.pdbx_database_accession'         
4  4 'Structure model' '_pdbx_struct_conn_angle.ptnr1_auth_asym_id'  
5  4 'Structure model' '_pdbx_struct_conn_angle.ptnr1_auth_comp_id'  
6  4 'Structure model' '_pdbx_struct_conn_angle.ptnr1_auth_seq_id'   
7  4 'Structure model' '_pdbx_struct_conn_angle.ptnr1_label_asym_id' 
8  4 'Structure model' '_pdbx_struct_conn_angle.ptnr1_label_atom_id' 
9  4 'Structure model' '_pdbx_struct_conn_angle.ptnr1_label_comp_id' 
10 4 'Structure model' '_pdbx_struct_conn_angle.ptnr1_label_seq_id'  
11 4 'Structure model' '_pdbx_struct_conn_angle.ptnr2_auth_asym_id'  
12 4 'Structure model' '_pdbx_struct_conn_angle.ptnr2_auth_seq_id'   
13 4 'Structure model' '_pdbx_struct_conn_angle.ptnr2_label_asym_id' 
14 4 'Structure model' '_pdbx_struct_conn_angle.ptnr3_auth_asym_id'  
15 4 'Structure model' '_pdbx_struct_conn_angle.ptnr3_auth_comp_id'  
16 4 'Structure model' '_pdbx_struct_conn_angle.ptnr3_auth_seq_id'   
17 4 'Structure model' '_pdbx_struct_conn_angle.ptnr3_label_asym_id' 
18 4 'Structure model' '_pdbx_struct_conn_angle.ptnr3_label_atom_id' 
19 4 'Structure model' '_pdbx_struct_conn_angle.ptnr3_label_comp_id' 
20 4 'Structure model' '_pdbx_struct_conn_angle.ptnr3_label_seq_id'  
21 4 'Structure model' '_pdbx_struct_conn_angle.value'               
22 4 'Structure model' '_struct_conn.conn_type_id'                   
23 4 'Structure model' '_struct_conn.id'                             
24 4 'Structure model' '_struct_conn.pdbx_dist_value'                
25 4 'Structure model' '_struct_conn.pdbx_leaving_atom_flag'         
26 4 'Structure model' '_struct_conn.pdbx_ptnr1_label_alt_id'        
27 4 'Structure model' '_struct_conn.pdbx_ptnr2_label_alt_id'        
28 4 'Structure model' '_struct_conn.ptnr1_auth_asym_id'             
29 4 'Structure model' '_struct_conn.ptnr1_auth_comp_id'             
30 4 'Structure model' '_struct_conn.ptnr1_auth_seq_id'              
31 4 'Structure model' '_struct_conn.ptnr1_label_asym_id'            
32 4 'Structure model' '_struct_conn.ptnr1_label_atom_id'            
33 4 'Structure model' '_struct_conn.ptnr1_label_comp_id'            
34 4 'Structure model' '_struct_conn.ptnr1_label_seq_id'             
35 4 'Structure model' '_struct_conn.ptnr2_auth_asym_id'             
36 4 'Structure model' '_struct_conn.ptnr2_auth_comp_id'             
37 4 'Structure model' '_struct_conn.ptnr2_auth_seq_id'              
38 4 'Structure model' '_struct_conn.ptnr2_label_asym_id'            
39 4 'Structure model' '_struct_conn.ptnr2_label_atom_id'            
40 4 'Structure model' '_struct_conn.ptnr2_label_comp_id'            
41 4 'Structure model' '_struct_conn.ptnr2_label_seq_id'             
42 4 'Structure model' '_struct_conn_type.id'                        
43 4 'Structure model' '_struct_site.pdbx_auth_asym_id'              
44 4 'Structure model' '_struct_site.pdbx_auth_comp_id'              
45 4 'Structure model' '_struct_site.pdbx_auth_seq_id'               
# 
_pdbx_database_status.status_code                     REL 
_pdbx_database_status.entry_id                        4MSR 
_pdbx_database_status.recvd_initial_deposition_date   2013-09-18 
_pdbx_database_status.deposit_site                    RCSB 
_pdbx_database_status.process_site                    RCSB 
_pdbx_database_status.status_code_sf                  REL 
_pdbx_database_status.status_code_mr                  ? 
_pdbx_database_status.SG_entry                        ? 
_pdbx_database_status.status_code_cs                  ? 
_pdbx_database_status.methods_development_category    ? 
_pdbx_database_status.pdb_format_compatible           Y 
_pdbx_database_status.status_code_nmr_data            ? 
# 
loop_
_pdbx_database_related.db_name 
_pdbx_database_related.db_id 
_pdbx_database_related.details 
_pdbx_database_related.content_type 
PDB 4MS9 . unspecified 
PDB 4MSB . unspecified 
# 
loop_
_audit_author.name 
_audit_author.pdbx_ordinal 
'Sheng, J.'       1 
'Li, L.'          2 
'Engelhart, A.E.' 3 
'Gan, J.'         4 
'Wang, J.'        5 
'Szostak, J.W.'   6 
# 
_citation.id                        primary 
_citation.title                     
;Structural insights into the effects of 2'-5' linkages on the RNA duplex.
;
_citation.journal_abbrev            Proc.Natl.Acad.Sci.USA 
_citation.journal_volume            111 
_citation.page_first                3050 
_citation.page_last                 3055 
_citation.year                      2014 
_citation.journal_id_ASTM           PNASA6 
_citation.country                   US 
_citation.journal_id_ISSN           0027-8424 
_citation.journal_id_CSD            0040 
_citation.book_publisher            ? 
_citation.pdbx_database_id_PubMed   24516151 
_citation.pdbx_database_id_DOI      10.1073/pnas.1317799111 
# 
loop_
_citation_author.citation_id 
_citation_author.name 
_citation_author.ordinal 
_citation_author.identifier_ORCID 
primary 'Sheng, J.'       1 ? 
primary 'Li, L.'          2 ? 
primary 'Engelhart, A.E.' 3 ? 
primary 'Gan, J.'         4 ? 
primary 'Wang, J.'        5 ? 
primary 'Szostak, J.W.'   6 ? 
# 
loop_
_entity.id 
_entity.type 
_entity.src_method 
_entity.pdbx_description 
_entity.formula_weight 
_entity.pdbx_number_of_molecules 
_entity.pdbx_ec 
_entity.pdbx_mutation 
_entity.pdbx_fragment 
_entity.details 
1 polymer     syn 
;RNA 10mer duplex with six 2'-5'-linkages
;
3206.980 2   ? ? ? ? 
2 non-polymer syn 'STRONTIUM ION'                            87.620   5   ? ? ? ? 
3 water       nat water                                      18.015   120 ? ? ? ? 
# 
_entity_poly.entity_id                      1 
_entity_poly.type                           polyribonucleotide 
_entity_poly.nstd_linkage                   no 
_entity_poly.nstd_monomer                   no 
_entity_poly.pdbx_seq_one_letter_code       CCGGCGCCGG 
_entity_poly.pdbx_seq_one_letter_code_can   CCGGCGCCGG 
_entity_poly.pdbx_strand_id                 A,B 
_entity_poly.pdbx_target_identifier         ? 
# 
loop_
_pdbx_entity_nonpoly.entity_id 
_pdbx_entity_nonpoly.name 
_pdbx_entity_nonpoly.comp_id 
2 'STRONTIUM ION' SR  
3 water           HOH 
# 
loop_
_entity_poly_seq.entity_id 
_entity_poly_seq.num 
_entity_poly_seq.mon_id 
_entity_poly_seq.hetero 
1 1  C n 
1 2  C n 
1 3  G n 
1 4  G n 
1 5  C n 
1 6  G n 
1 7  C n 
1 8  C n 
1 9  G n 
1 10 G n 
# 
_pdbx_entity_src_syn.entity_id              1 
_pdbx_entity_src_syn.pdbx_src_id            1 
_pdbx_entity_src_syn.pdbx_alt_source_flag   sample 
_pdbx_entity_src_syn.pdbx_beg_seq_num       ? 
_pdbx_entity_src_syn.pdbx_end_seq_num       ? 
_pdbx_entity_src_syn.organism_scientific    ? 
_pdbx_entity_src_syn.organism_common_name   ? 
_pdbx_entity_src_syn.ncbi_taxonomy_id       ? 
_pdbx_entity_src_syn.details                'Chemically synthesized and purified' 
# 
loop_
_chem_comp.id 
_chem_comp.type 
_chem_comp.mon_nstd_flag 
_chem_comp.name 
_chem_comp.pdbx_synonyms 
_chem_comp.formula 
_chem_comp.formula_weight 
C   'RNA linking' y "CYTIDINE-5'-MONOPHOSPHATE"  ? 'C9 H14 N3 O8 P'  323.197 
G   'RNA linking' y "GUANOSINE-5'-MONOPHOSPHATE" ? 'C10 H14 N5 O8 P' 363.221 
HOH non-polymer   . WATER                        ? 'H2 O'            18.015  
SR  non-polymer   . 'STRONTIUM ION'              ? 'Sr 2'            87.620  
# 
loop_
_pdbx_poly_seq_scheme.asym_id 
_pdbx_poly_seq_scheme.entity_id 
_pdbx_poly_seq_scheme.seq_id 
_pdbx_poly_seq_scheme.mon_id 
_pdbx_poly_seq_scheme.ndb_seq_num 
_pdbx_poly_seq_scheme.pdb_seq_num 
_pdbx_poly_seq_scheme.auth_seq_num 
_pdbx_poly_seq_scheme.pdb_mon_id 
_pdbx_poly_seq_scheme.auth_mon_id 
_pdbx_poly_seq_scheme.pdb_strand_id 
_pdbx_poly_seq_scheme.pdb_ins_code 
_pdbx_poly_seq_scheme.hetero 
A 1 1  C 1  1  1  C C A . n 
A 1 2  C 2  2  2  C C A . n 
A 1 3  G 3  3  3  G G A . n 
A 1 4  G 4  4  4  G G A . n 
A 1 5  C 5  5  5  C C A . n 
A 1 6  G 6  6  6  G G A . n 
A 1 7  C 7  7  7  C C A . n 
A 1 8  C 8  8  8  C C A . n 
A 1 9  G 9  9  9  G G A . n 
A 1 10 G 10 10 10 G G A . n 
B 1 1  C 1  1  1  C C B . n 
B 1 2  C 2  2  2  C C B . n 
B 1 3  G 3  3  3  G G B . n 
B 1 4  G 4  4  4  G G B . n 
B 1 5  C 5  5  5  C C B . n 
B 1 6  G 6  6  6  G G B . n 
B 1 7  C 7  7  7  C C B . n 
B 1 8  C 8  8  8  C C B . n 
B 1 9  G 9  9  9  G G B . n 
B 1 10 G 10 10 10 G G B . n 
# 
loop_
_pdbx_nonpoly_scheme.asym_id 
_pdbx_nonpoly_scheme.entity_id 
_pdbx_nonpoly_scheme.mon_id 
_pdbx_nonpoly_scheme.ndb_seq_num 
_pdbx_nonpoly_scheme.pdb_seq_num 
_pdbx_nonpoly_scheme.auth_seq_num 
_pdbx_nonpoly_scheme.pdb_mon_id 
_pdbx_nonpoly_scheme.auth_mon_id 
_pdbx_nonpoly_scheme.pdb_strand_id 
_pdbx_nonpoly_scheme.pdb_ins_code 
C 2 SR  1  101 1   SR  SR  A . 
D 2 SR  1  102 4   SR  SR  A . 
E 2 SR  1  101 2   SR  SR  B . 
F 2 SR  1  102 3   SR  SR  B . 
G 2 SR  1  103 5   SR  SR  B . 
H 3 HOH 1  201 3   HOH HOH A . 
H 3 HOH 2  202 6   HOH HOH A . 
H 3 HOH 3  203 7   HOH HOH A . 
H 3 HOH 4  204 8   HOH HOH A . 
H 3 HOH 5  205 12  HOH HOH A . 
H 3 HOH 6  206 14  HOH HOH A . 
H 3 HOH 7  207 15  HOH HOH A . 
H 3 HOH 8  208 16  HOH HOH A . 
H 3 HOH 9  209 17  HOH HOH A . 
H 3 HOH 10 210 22  HOH HOH A . 
H 3 HOH 11 211 23  HOH HOH A . 
H 3 HOH 12 212 24  HOH HOH A . 
H 3 HOH 13 213 25  HOH HOH A . 
H 3 HOH 14 214 27  HOH HOH A . 
H 3 HOH 15 215 28  HOH HOH A . 
H 3 HOH 16 216 29  HOH HOH A . 
H 3 HOH 17 217 30  HOH HOH A . 
H 3 HOH 18 218 35  HOH HOH A . 
H 3 HOH 19 219 37  HOH HOH A . 
H 3 HOH 20 220 40  HOH HOH A . 
H 3 HOH 21 221 42  HOH HOH A . 
H 3 HOH 22 222 44  HOH HOH A . 
H 3 HOH 23 223 46  HOH HOH A . 
H 3 HOH 24 224 47  HOH HOH A . 
H 3 HOH 25 225 48  HOH HOH A . 
H 3 HOH 26 226 49  HOH HOH A . 
H 3 HOH 27 227 50  HOH HOH A . 
H 3 HOH 28 228 58  HOH HOH A . 
H 3 HOH 29 229 63  HOH HOH A . 
H 3 HOH 30 230 64  HOH HOH A . 
H 3 HOH 31 231 66  HOH HOH A . 
H 3 HOH 32 232 70  HOH HOH A . 
H 3 HOH 33 233 72  HOH HOH A . 
H 3 HOH 34 234 73  HOH HOH A . 
H 3 HOH 35 235 76  HOH HOH A . 
H 3 HOH 36 236 77  HOH HOH A . 
H 3 HOH 37 237 79  HOH HOH A . 
H 3 HOH 38 238 82  HOH HOH A . 
H 3 HOH 39 239 83  HOH HOH A . 
H 3 HOH 40 240 86  HOH HOH A . 
H 3 HOH 41 241 88  HOH HOH A . 
H 3 HOH 42 242 89  HOH HOH A . 
H 3 HOH 43 243 90  HOH HOH A . 
H 3 HOH 44 244 91  HOH HOH A . 
H 3 HOH 45 245 101 HOH HOH A . 
H 3 HOH 46 246 103 HOH HOH A . 
H 3 HOH 47 247 104 HOH HOH A . 
H 3 HOH 48 248 106 HOH HOH A . 
H 3 HOH 49 249 107 HOH HOH A . 
H 3 HOH 50 250 108 HOH HOH A . 
H 3 HOH 51 251 109 HOH HOH A . 
H 3 HOH 52 252 110 HOH HOH A . 
H 3 HOH 53 253 111 HOH HOH A . 
H 3 HOH 54 254 112 HOH HOH A . 
H 3 HOH 55 255 118 HOH HOH A . 
H 3 HOH 56 256 119 HOH HOH A . 
H 3 HOH 57 257 120 HOH HOH A . 
H 3 HOH 58 258 122 HOH HOH A . 
H 3 HOH 59 259 123 HOH HOH A . 
H 3 HOH 60 260 124 HOH HOH A . 
I 3 HOH 1  201 1   HOH HOH B . 
I 3 HOH 2  202 2   HOH HOH B . 
I 3 HOH 3  203 4   HOH HOH B . 
I 3 HOH 4  204 5   HOH HOH B . 
I 3 HOH 5  205 9   HOH HOH B . 
I 3 HOH 6  206 10  HOH HOH B . 
I 3 HOH 7  207 13  HOH HOH B . 
I 3 HOH 8  208 18  HOH HOH B . 
I 3 HOH 9  209 19  HOH HOH B . 
I 3 HOH 10 210 20  HOH HOH B . 
I 3 HOH 11 211 21  HOH HOH B . 
I 3 HOH 12 212 26  HOH HOH B . 
I 3 HOH 13 213 31  HOH HOH B . 
I 3 HOH 14 214 32  HOH HOH B . 
I 3 HOH 15 215 33  HOH HOH B . 
I 3 HOH 16 216 34  HOH HOH B . 
I 3 HOH 17 217 36  HOH HOH B . 
I 3 HOH 18 218 38  HOH HOH B . 
I 3 HOH 19 219 39  HOH HOH B . 
I 3 HOH 20 220 41  HOH HOH B . 
I 3 HOH 21 221 43  HOH HOH B . 
I 3 HOH 22 222 45  HOH HOH B . 
I 3 HOH 23 223 51  HOH HOH B . 
I 3 HOH 24 224 52  HOH HOH B . 
I 3 HOH 25 225 53  HOH HOH B . 
I 3 HOH 26 226 54  HOH HOH B . 
I 3 HOH 27 227 55  HOH HOH B . 
I 3 HOH 28 228 56  HOH HOH B . 
I 3 HOH 29 229 57  HOH HOH B . 
I 3 HOH 30 230 60  HOH HOH B . 
I 3 HOH 31 231 61  HOH HOH B . 
I 3 HOH 32 232 62  HOH HOH B . 
I 3 HOH 33 233 65  HOH HOH B . 
I 3 HOH 34 234 67  HOH HOH B . 
I 3 HOH 35 235 68  HOH HOH B . 
I 3 HOH 36 236 69  HOH HOH B . 
I 3 HOH 37 237 71  HOH HOH B . 
I 3 HOH 38 238 74  HOH HOH B . 
I 3 HOH 39 239 75  HOH HOH B . 
I 3 HOH 40 240 78  HOH HOH B . 
I 3 HOH 41 241 80  HOH HOH B . 
I 3 HOH 42 242 81  HOH HOH B . 
I 3 HOH 43 243 84  HOH HOH B . 
I 3 HOH 44 244 85  HOH HOH B . 
I 3 HOH 45 245 87  HOH HOH B . 
I 3 HOH 46 246 92  HOH HOH B . 
I 3 HOH 47 247 93  HOH HOH B . 
I 3 HOH 48 248 94  HOH HOH B . 
I 3 HOH 49 249 96  HOH HOH B . 
I 3 HOH 50 250 97  HOH HOH B . 
I 3 HOH 51 251 98  HOH HOH B . 
I 3 HOH 52 252 99  HOH HOH B . 
I 3 HOH 53 253 100 HOH HOH B . 
I 3 HOH 54 254 102 HOH HOH B . 
I 3 HOH 55 255 105 HOH HOH B . 
I 3 HOH 56 256 113 HOH HOH B . 
I 3 HOH 57 257 114 HOH HOH B . 
I 3 HOH 58 258 115 HOH HOH B . 
I 3 HOH 59 259 116 HOH HOH B . 
I 3 HOH 60 260 117 HOH HOH B . 
# 
loop_
_software.name 
_software.classification 
_software.version 
_software.citation_id 
_software.pdbx_ordinal 
HKL-2000 'data collection' .        ? 1 
PHASES   phasing           .        ? 2 
REFMAC   refinement        5.6.0117 ? 3 
HKL-2000 'data reduction'  .        ? 4 
HKL-2000 'data scaling'    .        ? 5 
# 
_cell.entry_id           4MSR 
_cell.length_a           24.219 
_cell.length_b           45.504 
_cell.length_c           81.623 
_cell.angle_alpha        90.00 
_cell.angle_beta         90.00 
_cell.angle_gamma        90.00 
_cell.Z_PDB              16 
_cell.pdbx_unique_axis   ? 
_cell.length_a_esd       ? 
_cell.length_b_esd       ? 
_cell.length_c_esd       ? 
_cell.angle_alpha_esd    ? 
_cell.angle_beta_esd     ? 
_cell.angle_gamma_esd    ? 
# 
_symmetry.entry_id                         4MSR 
_symmetry.space_group_name_H-M             'C 2 2 21' 
_symmetry.pdbx_full_space_group_name_H-M   ? 
_symmetry.cell_setting                     ? 
_symmetry.Int_Tables_number                20 
_symmetry.space_group_name_Hall            ? 
# 
_exptl.entry_id          4MSR 
_exptl.method            'X-RAY DIFFRACTION' 
_exptl.crystals_number   1 
# 
_exptl_crystal.id                    1 
_exptl_crystal.density_meas          ? 
_exptl_crystal.density_Matthews      1.75 
_exptl_crystal.density_percent_sol   29.84 
_exptl_crystal.description           ? 
_exptl_crystal.F_000                 ? 
_exptl_crystal.preparation           ? 
# 
_exptl_crystal_grow.crystal_id      1 
_exptl_crystal_grow.method          'VAPOR DIFFUSION, HANGING DROP' 
_exptl_crystal_grow.temp            293 
_exptl_crystal_grow.temp_details    ? 
_exptl_crystal_grow.pH              6.0 
_exptl_crystal_grow.pdbx_details    
;10% MPD (2-methyl-2,4-pentanediol), 40 mM sodium cacodylate pH 6.0, 12 mM spermine tetrahydrochloride, and 80 mM strontium (II) chloride , VAPOR DIFFUSION, HANGING DROP, temperature 293K
;
_exptl_crystal_grow.pdbx_pH_range   ? 
# 
loop_
_diffrn.id 
_diffrn.ambient_temp 
_diffrn.ambient_temp_details 
_diffrn.crystal_id 
1 100 ? 1 
2 ?   ? 1 
# 
loop_
_diffrn_detector.diffrn_id 
_diffrn_detector.detector 
_diffrn_detector.type 
_diffrn_detector.pdbx_collection_date 
_diffrn_detector.details 
1 CCD 'ADSC QUANTUM 315'  2012-07-06 ? 
2 CCD 'ADSC QUANTUM 315r' ?          ? 
# 
_diffrn_radiation.diffrn_id                        1 
_diffrn_radiation.wavelength_id                    1 
_diffrn_radiation.pdbx_monochromatic_or_laue_m_l   M 
_diffrn_radiation.monochromator                    'Double crystal, Si(111)' 
_diffrn_radiation.pdbx_diffrn_protocol             'SINGLE WAVELENGTH' 
_diffrn_radiation.pdbx_scattering_type             x-ray 
# 
_diffrn_radiation_wavelength.id           1 
_diffrn_radiation_wavelength.wavelength   1.0 
_diffrn_radiation_wavelength.wt           1.0 
# 
loop_
_diffrn_source.diffrn_id 
_diffrn_source.source 
_diffrn_source.type 
_diffrn_source.pdbx_synchrotron_site 
_diffrn_source.pdbx_synchrotron_beamline 
_diffrn_source.pdbx_wavelength 
_diffrn_source.pdbx_wavelength_list 
1 SYNCHROTRON 'ALS BEAMLINE 8.2.1' ALS 8.2.1 ? 1.0 
2 SYNCHROTRON 'ALS BEAMLINE 8.2.2' ALS 8.2.2 ? 1.0 
# 
_reflns.entry_id                     4MSR 
_reflns.observed_criterion_sigma_I   -3 
_reflns.observed_criterion_sigma_F   0 
_reflns.d_resolution_low             30 
_reflns.d_resolution_high            1.2 
_reflns.number_obs                   13957 
_reflns.number_all                   14584 
_reflns.percent_possible_obs         95.7 
_reflns.pdbx_Rmerge_I_obs            0.068 
_reflns.pdbx_Rsym_value              ? 
_reflns.pdbx_netI_over_sigmaI        24.4 
_reflns.B_iso_Wilson_estimate        ? 
_reflns.pdbx_redundancy              9.2 
_reflns.R_free_details               ? 
_reflns.limit_h_max                  ? 
_reflns.limit_h_min                  ? 
_reflns.limit_k_max                  ? 
_reflns.limit_k_min                  ? 
_reflns.limit_l_max                  ? 
_reflns.limit_l_min                  ? 
_reflns.observed_criterion_F_max     ? 
_reflns.observed_criterion_F_min     ? 
_reflns.pdbx_chi_squared             ? 
_reflns.pdbx_scaling_rejects         ? 
_reflns.pdbx_ordinal                 1 
_reflns.pdbx_diffrn_id               1 
# 
_reflns_shell.d_res_high             1.20 
_reflns_shell.d_res_low              1.24 
_reflns_shell.percent_possible_all   74.9 
_reflns_shell.Rmerge_I_obs           0.26 
_reflns_shell.pdbx_Rsym_value        ? 
_reflns_shell.meanI_over_sigI_obs    4.2 
_reflns_shell.pdbx_redundancy        4.9 
_reflns_shell.percent_possible_obs   ? 
_reflns_shell.number_unique_all      18 
_reflns_shell.number_measured_all    ? 
_reflns_shell.number_measured_obs    ? 
_reflns_shell.number_unique_obs      ? 
_reflns_shell.pdbx_chi_squared       ? 
_reflns_shell.pdbx_ordinal           1 
_reflns_shell.pdbx_diffrn_id         1 
# 
_refine.entry_id                                 4MSR 
_refine.ls_number_reflns_obs                     13223 
_refine.ls_number_reflns_all                     13803 
_refine.pdbx_ls_sigma_I                          ? 
_refine.pdbx_ls_sigma_F                          0 
_refine.pdbx_data_cutoff_high_absF               ? 
_refine.pdbx_data_cutoff_low_absF                ? 
_refine.pdbx_data_cutoff_high_rms_absF           ? 
_refine.ls_d_res_low                             22.75 
_refine.ls_d_res_high                            1.20 
_refine.ls_percent_reflns_obs                    95.80 
_refine.ls_R_factor_obs                          0.17775 
_refine.ls_R_factor_all                          ? 
_refine.ls_R_factor_R_work                       0.17580 
_refine.ls_R_factor_R_free                       0.21733 
_refine.ls_R_factor_R_free_error                 ? 
_refine.ls_R_factor_R_free_error_details         ? 
_refine.ls_percent_reflns_R_free                 5.1 
_refine.ls_number_reflns_R_free                  704 
_refine.ls_number_parameters                     ? 
_refine.ls_number_restraints                     ? 
_refine.occupancy_min                            ? 
_refine.occupancy_max                            ? 
_refine.correlation_coeff_Fo_to_Fc               0.964 
_refine.correlation_coeff_Fo_to_Fc_free          0.943 
_refine.B_iso_mean                               15.412 
_refine.aniso_B[1][1]                            -0.10 
_refine.aniso_B[2][2]                            0.01 
_refine.aniso_B[3][3]                            0.09 
_refine.aniso_B[1][2]                            0.00 
_refine.aniso_B[1][3]                            0.00 
_refine.aniso_B[2][3]                            0.00 
_refine.solvent_model_details                    MASK 
_refine.solvent_model_param_ksol                 ? 
_refine.solvent_model_param_bsol                 ? 
_refine.pdbx_solvent_vdw_probe_radii             1.20 
_refine.pdbx_solvent_ion_probe_radii             0.80 
_refine.pdbx_solvent_shrinkage_radii             0.80 
_refine.pdbx_ls_cross_valid_method               THROUGHOUT 
_refine.details                                  'HYDROGENS HAVE BEEN USED IF PRESENT IN THE INPUT' 
_refine.pdbx_starting_model                      ? 
_refine.pdbx_method_to_determine_struct          'MOLECULAR REPLACEMENT' 
_refine.pdbx_isotropic_thermal_model             ? 
_refine.pdbx_stereochemistry_target_values       'MAXIMUM LIKELIHOOD' 
_refine.pdbx_stereochem_target_val_spec_case     ? 
_refine.pdbx_R_Free_selection_details            RANDOM 
_refine.pdbx_overall_ESU_R                       0.052 
_refine.pdbx_overall_ESU_R_Free                  0.058 
_refine.overall_SU_ML                            0.035 
_refine.pdbx_overall_phase_error                 ? 
_refine.overall_SU_B                             0.778 
_refine.overall_SU_R_Cruickshank_DPI             ? 
_refine.ls_redundancy_reflns_obs                 ? 
_refine.B_iso_min                                ? 
_refine.B_iso_max                                ? 
_refine.overall_SU_R_free                        ? 
_refine.ls_wR_factor_R_free                      ? 
_refine.ls_wR_factor_R_work                      ? 
_refine.overall_FOM_free_R_set                   ? 
_refine.overall_FOM_work_R_set                   ? 
_refine.pdbx_diffrn_id                           1 
_refine.pdbx_refine_id                           'X-RAY DIFFRACTION' 
_refine.pdbx_TLS_residual_ADP_flag               ? 
_refine.pdbx_overall_SU_R_free_Cruickshank_DPI   ? 
_refine.pdbx_overall_SU_R_Blow_DPI               ? 
_refine.pdbx_overall_SU_R_free_Blow_DPI          ? 
# 
_refine_analyze.entry_id                        4MSR 
_refine_analyze.Luzzati_coordinate_error_obs    0.052 
_refine_analyze.Luzzati_sigma_a_obs             ? 
_refine_analyze.Luzzati_d_res_low_obs           ? 
_refine_analyze.Luzzati_coordinate_error_free   0.058 
_refine_analyze.Luzzati_sigma_a_free            ? 
_refine_analyze.Luzzati_d_res_low_free          ? 
_refine_analyze.number_disordered_residues      ? 
_refine_analyze.occupancy_sum_hydrogen          ? 
_refine_analyze.occupancy_sum_non_hydrogen      ? 
_refine_analyze.pdbx_Luzzati_d_res_high_obs     ? 
_refine_analyze.pdbx_refine_id                  'X-RAY DIFFRACTION' 
# 
_refine_hist.pdbx_refine_id                   'X-RAY DIFFRACTION' 
_refine_hist.cycle_id                         LAST 
_refine_hist.pdbx_number_atoms_protein        0 
_refine_hist.pdbx_number_atoms_nucleic_acid   424 
_refine_hist.pdbx_number_atoms_ligand         5 
_refine_hist.number_atoms_solvent             120 
_refine_hist.number_atoms_total               549 
_refine_hist.d_res_high                       1.20 
_refine_hist.d_res_low                        22.75 
# 
loop_
_refine_ls_restr.type 
_refine_ls_restr.dev_ideal 
_refine_ls_restr.dev_ideal_target 
_refine_ls_restr.weight 
_refine_ls_restr.number 
_refine_ls_restr.pdbx_restraint_function 
_refine_ls_restr.pdbx_refine_id 
r_bond_refined_d     0.017 0.011 ? 548 ? 'X-RAY DIFFRACTION' 
r_angle_refined_deg  1.996 1.444 ? 858 ? 'X-RAY DIFFRACTION' 
r_chiral_restr       0.098 0.200 ? 92  ? 'X-RAY DIFFRACTION' 
r_gen_planes_refined 0.035 0.020 ? 243 ? 'X-RAY DIFFRACTION' 
# 
_refine_ls_shell.pdbx_total_number_of_bins_used   20 
_refine_ls_shell.d_res_high                       1.200 
_refine_ls_shell.d_res_low                        1.231 
_refine_ls_shell.number_reflns_R_work             643 
_refine_ls_shell.R_factor_R_work                  0.254 
_refine_ls_shell.percent_reflns_obs               68.20 
_refine_ls_shell.R_factor_R_free                  0.380 
_refine_ls_shell.R_factor_R_free_error            ? 
_refine_ls_shell.percent_reflns_R_free            ? 
_refine_ls_shell.number_reflns_R_free             39 
_refine_ls_shell.number_reflns_all                ? 
_refine_ls_shell.R_factor_all                     ? 
_refine_ls_shell.number_reflns_obs                ? 
_refine_ls_shell.redundancy_reflns_obs            ? 
_refine_ls_shell.pdbx_refine_id                   'X-RAY DIFFRACTION' 
# 
_struct.entry_id                  4MSR 
_struct.title                     
;RNA 10mer duplex with six 2'-5'-linkages
;
_struct.pdbx_model_details        ? 
_struct.pdbx_CASP_flag            ? 
_struct.pdbx_model_type_details   ? 
# 
_struct_keywords.entry_id        4MSR 
_struct_keywords.pdbx_keywords   RNA 
_struct_keywords.text            
;2'-5'-linkage, RNA
;
# 
loop_
_struct_asym.id 
_struct_asym.pdbx_blank_PDB_chainid_flag 
_struct_asym.pdbx_modified 
_struct_asym.entity_id 
_struct_asym.details 
A N N 1 ? 
B N N 1 ? 
C N N 2 ? 
D N N 2 ? 
E N N 2 ? 
F N N 2 ? 
G N N 2 ? 
H N N 3 ? 
I N N 3 ? 
# 
_struct_ref.id                         1 
_struct_ref.db_name                    PDB 
_struct_ref.db_code                    4MSR 
_struct_ref.pdbx_db_accession          4MSR 
_struct_ref.entity_id                  1 
_struct_ref.pdbx_align_begin           ? 
_struct_ref.pdbx_seq_one_letter_code   CCGGCGCCGG 
_struct_ref.pdbx_db_isoform            ? 
# 
loop_
_struct_ref_seq.align_id 
_struct_ref_seq.ref_id 
_struct_ref_seq.pdbx_PDB_id_code 
_struct_ref_seq.pdbx_strand_id 
_struct_ref_seq.seq_align_beg 
_struct_ref_seq.pdbx_seq_align_beg_ins_code 
_struct_ref_seq.seq_align_end 
_struct_ref_seq.pdbx_seq_align_end_ins_code 
_struct_ref_seq.pdbx_db_accession 
_struct_ref_seq.db_align_beg 
_struct_ref_seq.pdbx_db_align_beg_ins_code 
_struct_ref_seq.db_align_end 
_struct_ref_seq.pdbx_db_align_end_ins_code 
_struct_ref_seq.pdbx_auth_seq_align_beg 
_struct_ref_seq.pdbx_auth_seq_align_end 
1 1 4MSR A 1 ? 10 ? 4MSR 1 ? 10 ? 1 10 
2 1 4MSR B 1 ? 10 ? 4MSR 1 ? 10 ? 1 10 
# 
_pdbx_struct_assembly.id                   1 
_pdbx_struct_assembly.details              author_and_software_defined_assembly 
_pdbx_struct_assembly.method_details       PISA 
_pdbx_struct_assembly.oligomeric_details   dimeric 
_pdbx_struct_assembly.oligomeric_count     2 
# 
loop_
_pdbx_struct_assembly_prop.biol_id 
_pdbx_struct_assembly_prop.type 
_pdbx_struct_assembly_prop.value 
_pdbx_struct_assembly_prop.details 
1 'ABSA (A^2)' 1880 ? 
1 MORE         -99  ? 
1 'SSA (A^2)'  3680 ? 
# 
_pdbx_struct_assembly_gen.assembly_id       1 
_pdbx_struct_assembly_gen.oper_expression   1 
_pdbx_struct_assembly_gen.asym_id_list      A,B,C,D,E,F,G,H,I 
# 
_pdbx_struct_oper_list.id                   1 
_pdbx_struct_oper_list.type                 'identity operation' 
_pdbx_struct_oper_list.name                 1_555 
_pdbx_struct_oper_list.symmetry_operation   x,y,z 
_pdbx_struct_oper_list.matrix[1][1]         1.0000000000 
_pdbx_struct_oper_list.matrix[1][2]         0.0000000000 
_pdbx_struct_oper_list.matrix[1][3]         0.0000000000 
_pdbx_struct_oper_list.vector[1]            0.0000000000 
_pdbx_struct_oper_list.matrix[2][1]         0.0000000000 
_pdbx_struct_oper_list.matrix[2][2]         1.0000000000 
_pdbx_struct_oper_list.matrix[2][3]         0.0000000000 
_pdbx_struct_oper_list.vector[2]            0.0000000000 
_pdbx_struct_oper_list.matrix[3][1]         0.0000000000 
_pdbx_struct_oper_list.matrix[3][2]         0.0000000000 
_pdbx_struct_oper_list.matrix[3][3]         1.0000000000 
_pdbx_struct_oper_list.vector[3]            0.0000000000 
# 
_struct_biol.id        1 
_struct_biol.details   ? 
# 
loop_
_struct_conn.id 
_struct_conn.conn_type_id 
_struct_conn.pdbx_leaving_atom_flag 
_struct_conn.pdbx_PDB_id 
_struct_conn.ptnr1_label_asym_id 
_struct_conn.ptnr1_label_comp_id 
_struct_conn.ptnr1_label_seq_id 
_struct_conn.ptnr1_label_atom_id 
_struct_conn.pdbx_ptnr1_label_alt_id 
_struct_conn.pdbx_ptnr1_PDB_ins_code 
_struct_conn.pdbx_ptnr1_standard_comp_id 
_struct_conn.ptnr1_symmetry 
_struct_conn.ptnr2_label_asym_id 
_struct_conn.ptnr2_label_comp_id 
_struct_conn.ptnr2_label_seq_id 
_struct_conn.ptnr2_label_atom_id 
_struct_conn.pdbx_ptnr2_label_alt_id 
_struct_conn.pdbx_ptnr2_PDB_ins_code 
_struct_conn.ptnr1_auth_asym_id 
_struct_conn.ptnr1_auth_comp_id 
_struct_conn.ptnr1_auth_seq_id 
_struct_conn.ptnr2_auth_asym_id 
_struct_conn.ptnr2_auth_comp_id 
_struct_conn.ptnr2_auth_seq_id 
_struct_conn.ptnr2_symmetry 
_struct_conn.pdbx_ptnr3_label_atom_id 
_struct_conn.pdbx_ptnr3_label_seq_id 
_struct_conn.pdbx_ptnr3_label_comp_id 
_struct_conn.pdbx_ptnr3_label_asym_id 
_struct_conn.pdbx_ptnr3_label_alt_id 
_struct_conn.pdbx_ptnr3_PDB_ins_code 
_struct_conn.details 
_struct_conn.pdbx_dist_value 
_struct_conn.pdbx_value_order 
_struct_conn.pdbx_role 
covale1  covale one ? A G   3  "O2'" A ? ? 1_555 A G   4  P  A ? A G   3   A G   4   1_555 ? ? ? ? ? ? ?            1.580 ? ? 
covale2  covale one ? A G   3  "O2'" B ? ? 1_555 A G   4  P  B ? A G   3   A G   4   1_555 ? ? ? ? ? ? ?            1.606 ? ? 
covale3  covale one ? A C   5  "O2'" ? ? ? 1_555 A G   6  P  ? ? A C   5   A G   6   1_555 ? ? ? ? ? ? ?            1.569 ? ? 
covale4  covale one ? A C   7  "O2'" ? ? ? 1_555 A C   8  P  ? ? A C   7   A C   8   1_555 ? ? ? ? ? ? ?            1.563 ? ? 
covale5  covale one ? B G   3  "O2'" ? ? ? 1_555 B G   4  P  ? ? B G   3   B G   4   1_555 ? ? ? ? ? ? ?            1.572 ? ? 
covale6  covale one ? B C   5  "O2'" ? ? ? 1_555 B G   6  P  ? ? B C   5   B G   6   1_555 ? ? ? ? ? ? ?            1.615 ? ? 
covale7  covale one ? B C   7  "O2'" ? ? ? 1_555 B C   8  P  A ? B C   7   B C   8   1_555 ? ? ? ? ? ? ?            1.640 ? ? 
covale8  covale one ? B C   7  "O2'" ? ? ? 1_555 B C   8  P  B ? B C   7   B C   8   1_555 ? ? ? ? ? ? ?            1.590 ? ? 
metalc1  metalc ?   ? A G   6  OP2   ? ? ? 1_555 D SR  .  SR ? ? A G   6   A SR  102 1_555 ? ? ? ? ? ? ?            2.626 ? ? 
metalc2  metalc ?   ? C SR  .  SR    ? ? ? 1_555 H HOH .  O  ? ? A SR  101 A HOH 202 1_555 ? ? ? ? ? ? ?            2.615 ? ? 
metalc3  metalc ?   ? C SR  .  SR    ? ? ? 1_555 H HOH .  O  ? ? A SR  101 A HOH 203 1_555 ? ? ? ? ? ? ?            2.538 ? ? 
metalc4  metalc ?   ? C SR  .  SR    ? ? ? 1_555 H HOH .  O  ? ? A SR  101 A HOH 204 1_555 ? ? ? ? ? ? ?            2.539 ? ? 
metalc5  metalc ?   ? C SR  .  SR    ? ? ? 1_555 H HOH .  O  ? ? A SR  101 A HOH 216 1_555 ? ? ? ? ? ? ?            2.677 ? ? 
metalc6  metalc ?   ? C SR  .  SR    ? ? ? 1_555 H HOH .  O  ? ? A SR  101 A HOH 244 1_555 ? ? ? ? ? ? ?            2.625 ? ? 
metalc7  metalc ?   ? C SR  .  SR    ? ? ? 1_555 I HOH .  O  ? ? A SR  101 B HOH 204 1_555 ? ? ? ? ? ? ?            2.640 ? ? 
metalc8  metalc ?   ? C SR  .  SR    ? ? ? 1_555 I HOH .  O  ? ? A SR  101 B HOH 205 1_555 ? ? ? ? ? ? ?            2.643 ? ? 
metalc9  metalc ?   ? C SR  .  SR    ? ? ? 1_555 I HOH .  O  ? ? A SR  101 B HOH 222 1_555 ? ? ? ? ? ? ?            2.608 ? ? 
metalc10 metalc ?   ? D SR  .  SR    ? ? ? 1_555 H HOH .  O  ? ? A SR  102 A HOH 242 1_555 ? ? ? ? ? ? ?            2.718 ? ? 
metalc11 metalc ?   ? D SR  .  SR    ? ? ? 1_555 H HOH .  O  ? ? A SR  102 A HOH 248 1_555 ? ? ? ? ? ? ?            2.591 ? ? 
metalc12 metalc ?   ? H HOH .  O     ? ? ? 1_555 E SR  .  SR ? ? A HOH 209 B SR  101 1_555 ? ? ? ? ? ? ?            2.607 ? ? 
metalc13 metalc ?   ? B G   3  O6    ? ? ? 1_555 E SR  .  SR ? ? B G   3   B SR  101 1_555 ? ? ? ? ? ? ?            2.684 ? ? 
metalc14 metalc ?   ? B G   4  O6    ? ? ? 1_555 E SR  .  SR ? ? B G   4   B SR  101 1_555 ? ? ? ? ? ? ?            2.655 ? ? 
metalc15 metalc ?   ? B G   10 O6    ? ? ? 1_555 F SR  .  SR ? ? B G   10  B SR  102 1_555 ? ? ? ? ? ? ?            2.813 ? ? 
metalc16 metalc ?   ? B G   10 O6    ? ? ? 1_555 G SR  .  SR ? ? B G   10  B SR  103 1_555 ? ? ? ? ? ? ?            2.737 ? ? 
metalc17 metalc ?   ? E SR  .  SR    ? ? ? 1_555 I HOH .  O  ? ? B SR  101 B HOH 203 1_555 ? ? ? ? ? ? ?            2.606 ? ? 
metalc18 metalc ?   ? E SR  .  SR    ? ? ? 1_555 I HOH .  O  ? ? B SR  101 B HOH 214 1_555 ? ? ? ? ? ? ?            2.735 ? ? 
metalc19 metalc ?   ? E SR  .  SR    ? ? ? 1_555 I HOH .  O  ? ? B SR  101 B HOH 216 1_555 ? ? ? ? ? ? ?            2.578 ? ? 
metalc20 metalc ?   ? E SR  .  SR    ? ? ? 1_555 I HOH .  O  ? ? B SR  101 B HOH 219 1_555 ? ? ? ? ? ? ?            2.657 ? ? 
metalc21 metalc ?   ? E SR  .  SR    ? ? ? 1_555 I HOH .  O  ? ? B SR  101 B HOH 221 1_555 ? ? ? ? ? ? ?            2.695 ? ? 
metalc22 metalc ?   ? F SR  .  SR    ? ? ? 1_555 I HOH .  O  ? ? B SR  102 B HOH 234 1_555 ? ? ? ? ? ? ?            2.520 ? ? 
metalc23 metalc ?   ? F SR  .  SR    ? ? ? 1_555 I HOH .  O  ? ? B SR  102 B HOH 237 1_555 ? ? ? ? ? ? ?            2.521 ? ? 
metalc24 metalc ?   ? F SR  .  SR    ? ? ? 1_555 I HOH .  O  ? ? B SR  102 B HOH 241 1_555 ? ? ? ? ? ? ?            2.639 ? ? 
metalc25 metalc ?   ? F SR  .  SR    ? ? ? 1_555 I HOH .  O  ? ? B SR  102 B HOH 245 1_555 ? ? ? ? ? ? ?            2.936 ? ? 
metalc26 metalc ?   ? F SR  .  SR    ? ? ? 1_555 I HOH .  O  ? ? B SR  102 B HOH 250 1_555 ? ? ? ? ? ? ?            2.793 ? ? 
hydrog1  hydrog ?   ? A C   1  N3    ? ? ? 1_555 B G   10 N1 ? ? A C   1   B G   10  1_555 ? ? ? ? ? ? WATSON-CRICK ?     ? ? 
hydrog2  hydrog ?   ? A C   1  N4    ? ? ? 1_555 B G   10 O6 ? ? A C   1   B G   10  1_555 ? ? ? ? ? ? WATSON-CRICK ?     ? ? 
hydrog3  hydrog ?   ? A C   1  O2    ? ? ? 1_555 B G   10 N2 ? ? A C   1   B G   10  1_555 ? ? ? ? ? ? WATSON-CRICK ?     ? ? 
hydrog4  hydrog ?   ? A C   2  N3    ? ? ? 1_555 B G   9  N1 ? ? A C   2   B G   9   1_555 ? ? ? ? ? ? WATSON-CRICK ?     ? ? 
hydrog5  hydrog ?   ? A C   2  N4    ? ? ? 1_555 B G   9  O6 ? ? A C   2   B G   9   1_555 ? ? ? ? ? ? WATSON-CRICK ?     ? ? 
hydrog6  hydrog ?   ? A C   2  O2    ? ? ? 1_555 B G   9  N2 ? ? A C   2   B G   9   1_555 ? ? ? ? ? ? WATSON-CRICK ?     ? ? 
hydrog7  hydrog ?   ? A G   3  N1    A ? ? 1_555 B C   8  N3 A ? A G   3   B C   8   1_555 ? ? ? ? ? ? WATSON-CRICK ?     ? ? 
hydrog8  hydrog ?   ? A G   3  N2    A ? ? 1_555 B C   8  O2 A ? A G   3   B C   8   1_555 ? ? ? ? ? ? WATSON-CRICK ?     ? ? 
hydrog9  hydrog ?   ? A G   3  O6    A ? ? 1_555 B C   8  N4 A ? A G   3   B C   8   1_555 ? ? ? ? ? ? WATSON-CRICK ?     ? ? 
hydrog10 hydrog ?   ? A G   4  N1    A ? ? 1_555 B C   7  N3 ? ? A G   4   B C   7   1_555 ? ? ? ? ? ? WATSON-CRICK ?     ? ? 
hydrog11 hydrog ?   ? A G   4  N2    A ? ? 1_555 B C   7  O2 ? ? A G   4   B C   7   1_555 ? ? ? ? ? ? WATSON-CRICK ?     ? ? 
hydrog12 hydrog ?   ? A G   4  O6    A ? ? 1_555 B C   7  N4 ? ? A G   4   B C   7   1_555 ? ? ? ? ? ? WATSON-CRICK ?     ? ? 
hydrog13 hydrog ?   ? A C   5  N3    ? ? ? 1_555 B G   6  N1 ? ? A C   5   B G   6   1_555 ? ? ? ? ? ? WATSON-CRICK ?     ? ? 
hydrog14 hydrog ?   ? A C   5  N4    ? ? ? 1_555 B G   6  O6 ? ? A C   5   B G   6   1_555 ? ? ? ? ? ? WATSON-CRICK ?     ? ? 
hydrog15 hydrog ?   ? A C   5  O2    ? ? ? 1_555 B G   6  N2 ? ? A C   5   B G   6   1_555 ? ? ? ? ? ? WATSON-CRICK ?     ? ? 
hydrog16 hydrog ?   ? A G   6  N1    ? ? ? 1_555 B C   5  N3 ? ? A G   6   B C   5   1_555 ? ? ? ? ? ? WATSON-CRICK ?     ? ? 
hydrog17 hydrog ?   ? A G   6  N2    ? ? ? 1_555 B C   5  O2 ? ? A G   6   B C   5   1_555 ? ? ? ? ? ? WATSON-CRICK ?     ? ? 
hydrog18 hydrog ?   ? A G   6  O6    ? ? ? 1_555 B C   5  N4 ? ? A G   6   B C   5   1_555 ? ? ? ? ? ? WATSON-CRICK ?     ? ? 
hydrog19 hydrog ?   ? A C   7  N3    ? ? ? 1_555 B G   4  N1 ? ? A C   7   B G   4   1_555 ? ? ? ? ? ? WATSON-CRICK ?     ? ? 
hydrog20 hydrog ?   ? A C   7  N4    ? ? ? 1_555 B G   4  O6 ? ? A C   7   B G   4   1_555 ? ? ? ? ? ? WATSON-CRICK ?     ? ? 
hydrog21 hydrog ?   ? A C   7  O2    ? ? ? 1_555 B G   4  N2 ? ? A C   7   B G   4   1_555 ? ? ? ? ? ? WATSON-CRICK ?     ? ? 
hydrog22 hydrog ?   ? A C   8  N3    ? ? ? 1_555 B G   3  N1 ? ? A C   8   B G   3   1_555 ? ? ? ? ? ? WATSON-CRICK ?     ? ? 
hydrog23 hydrog ?   ? A C   8  N4    ? ? ? 1_555 B G   3  O6 ? ? A C   8   B G   3   1_555 ? ? ? ? ? ? WATSON-CRICK ?     ? ? 
hydrog24 hydrog ?   ? A C   8  O2    ? ? ? 1_555 B G   3  N2 ? ? A C   8   B G   3   1_555 ? ? ? ? ? ? WATSON-CRICK ?     ? ? 
hydrog25 hydrog ?   ? A G   9  N1    ? ? ? 1_555 B C   2  N3 ? ? A G   9   B C   2   1_555 ? ? ? ? ? ? WATSON-CRICK ?     ? ? 
hydrog26 hydrog ?   ? A G   9  N2    ? ? ? 1_555 B C   2  O2 ? ? A G   9   B C   2   1_555 ? ? ? ? ? ? WATSON-CRICK ?     ? ? 
hydrog27 hydrog ?   ? A G   9  O6    ? ? ? 1_555 B C   2  N4 ? ? A G   9   B C   2   1_555 ? ? ? ? ? ? WATSON-CRICK ?     ? ? 
hydrog28 hydrog ?   ? A G   10 N1    ? ? ? 1_555 B C   1  N3 ? ? A G   10  B C   1   1_555 ? ? ? ? ? ? WATSON-CRICK ?     ? ? 
hydrog29 hydrog ?   ? A G   10 N2    ? ? ? 1_555 B C   1  O2 ? ? A G   10  B C   1   1_555 ? ? ? ? ? ? WATSON-CRICK ?     ? ? 
hydrog30 hydrog ?   ? A G   10 O6    ? ? ? 1_555 B C   1  N4 ? ? A G   10  B C   1   1_555 ? ? ? ? ? ? WATSON-CRICK ?     ? ? 
# 
loop_
_struct_conn_type.id 
_struct_conn_type.criteria 
_struct_conn_type.reference 
covale ? ? 
metalc ? ? 
hydrog ? ? 
# 
loop_
_pdbx_struct_conn_angle.id 
_pdbx_struct_conn_angle.ptnr1_label_atom_id 
_pdbx_struct_conn_angle.ptnr1_label_alt_id 
_pdbx_struct_conn_angle.ptnr1_label_asym_id 
_pdbx_struct_conn_angle.ptnr1_label_comp_id 
_pdbx_struct_conn_angle.ptnr1_label_seq_id 
_pdbx_struct_conn_angle.ptnr1_auth_atom_id 
_pdbx_struct_conn_angle.ptnr1_auth_asym_id 
_pdbx_struct_conn_angle.ptnr1_auth_comp_id 
_pdbx_struct_conn_angle.ptnr1_auth_seq_id 
_pdbx_struct_conn_angle.ptnr1_PDB_ins_code 
_pdbx_struct_conn_angle.ptnr1_symmetry 
_pdbx_struct_conn_angle.ptnr2_label_atom_id 
_pdbx_struct_conn_angle.ptnr2_label_alt_id 
_pdbx_struct_conn_angle.ptnr2_label_asym_id 
_pdbx_struct_conn_angle.ptnr2_label_comp_id 
_pdbx_struct_conn_angle.ptnr2_label_seq_id 
_pdbx_struct_conn_angle.ptnr2_auth_atom_id 
_pdbx_struct_conn_angle.ptnr2_auth_asym_id 
_pdbx_struct_conn_angle.ptnr2_auth_comp_id 
_pdbx_struct_conn_angle.ptnr2_auth_seq_id 
_pdbx_struct_conn_angle.ptnr2_PDB_ins_code 
_pdbx_struct_conn_angle.ptnr2_symmetry 
_pdbx_struct_conn_angle.ptnr3_label_atom_id 
_pdbx_struct_conn_angle.ptnr3_label_alt_id 
_pdbx_struct_conn_angle.ptnr3_label_asym_id 
_pdbx_struct_conn_angle.ptnr3_label_comp_id 
_pdbx_struct_conn_angle.ptnr3_label_seq_id 
_pdbx_struct_conn_angle.ptnr3_auth_atom_id 
_pdbx_struct_conn_angle.ptnr3_auth_asym_id 
_pdbx_struct_conn_angle.ptnr3_auth_comp_id 
_pdbx_struct_conn_angle.ptnr3_auth_seq_id 
_pdbx_struct_conn_angle.ptnr3_PDB_ins_code 
_pdbx_struct_conn_angle.ptnr3_symmetry 
_pdbx_struct_conn_angle.value 
_pdbx_struct_conn_angle.value_esd 
1  OP2 ? A G   6  ? A G   6   ? 1_555 SR ? D SR . ? A SR 102 ? 1_555 O  ? H HOH . ? A HOH 242 ? 1_555 68.0  ? 
2  OP2 ? A G   6  ? A G   6   ? 1_555 SR ? D SR . ? A SR 102 ? 1_555 O  ? H HOH . ? A HOH 248 ? 1_555 80.9  ? 
3  O   ? H HOH .  ? A HOH 242 ? 1_555 SR ? D SR . ? A SR 102 ? 1_555 O  ? H HOH . ? A HOH 248 ? 1_555 103.7 ? 
4  O   ? H HOH .  ? A HOH 202 ? 1_555 SR ? C SR . ? A SR 101 ? 1_555 O  ? H HOH . ? A HOH 203 ? 1_555 75.3  ? 
5  O   ? H HOH .  ? A HOH 202 ? 1_555 SR ? C SR . ? A SR 101 ? 1_555 O  ? H HOH . ? A HOH 204 ? 1_555 138.7 ? 
6  O   ? H HOH .  ? A HOH 203 ? 1_555 SR ? C SR . ? A SR 101 ? 1_555 O  ? H HOH . ? A HOH 204 ? 1_555 72.3  ? 
7  O   ? H HOH .  ? A HOH 202 ? 1_555 SR ? C SR . ? A SR 101 ? 1_555 O  ? H HOH . ? A HOH 216 ? 1_555 73.3  ? 
8  O   ? H HOH .  ? A HOH 203 ? 1_555 SR ? C SR . ? A SR 101 ? 1_555 O  ? H HOH . ? A HOH 216 ? 1_555 77.0  ? 
9  O   ? H HOH .  ? A HOH 204 ? 1_555 SR ? C SR . ? A SR 101 ? 1_555 O  ? H HOH . ? A HOH 216 ? 1_555 75.0  ? 
10 O   ? H HOH .  ? A HOH 202 ? 1_555 SR ? C SR . ? A SR 101 ? 1_555 O  ? H HOH . ? A HOH 244 ? 1_555 147.1 ? 
11 O   ? H HOH .  ? A HOH 203 ? 1_555 SR ? C SR . ? A SR 101 ? 1_555 O  ? H HOH . ? A HOH 244 ? 1_555 115.2 ? 
12 O   ? H HOH .  ? A HOH 204 ? 1_555 SR ? C SR . ? A SR 101 ? 1_555 O  ? H HOH . ? A HOH 244 ? 1_555 71.9  ? 
13 O   ? H HOH .  ? A HOH 216 ? 1_555 SR ? C SR . ? A SR 101 ? 1_555 O  ? H HOH . ? A HOH 244 ? 1_555 138.2 ? 
14 O   ? H HOH .  ? A HOH 202 ? 1_555 SR ? C SR . ? A SR 101 ? 1_555 O  ? I HOH . ? B HOH 204 ? 1_555 77.3  ? 
15 O   ? H HOH .  ? A HOH 203 ? 1_555 SR ? C SR . ? A SR 101 ? 1_555 O  ? I HOH . ? B HOH 204 ? 1_555 142.0 ? 
16 O   ? H HOH .  ? A HOH 204 ? 1_555 SR ? C SR . ? A SR 101 ? 1_555 O  ? I HOH . ? B HOH 204 ? 1_555 142.5 ? 
17 O   ? H HOH .  ? A HOH 216 ? 1_555 SR ? C SR . ? A SR 101 ? 1_555 O  ? I HOH . ? B HOH 204 ? 1_555 119.0 ? 
18 O   ? H HOH .  ? A HOH 244 ? 1_555 SR ? C SR . ? A SR 101 ? 1_555 O  ? I HOH . ? B HOH 204 ? 1_555 77.1  ? 
19 O   ? H HOH .  ? A HOH 202 ? 1_555 SR ? C SR . ? A SR 101 ? 1_555 O  ? I HOH . ? B HOH 205 ? 1_555 113.8 ? 
20 O   ? H HOH .  ? A HOH 203 ? 1_555 SR ? C SR . ? A SR 101 ? 1_555 O  ? I HOH . ? B HOH 205 ? 1_555 142.8 ? 
21 O   ? H HOH .  ? A HOH 204 ? 1_555 SR ? C SR . ? A SR 101 ? 1_555 O  ? I HOH . ? B HOH 205 ? 1_555 80.1  ? 
22 O   ? H HOH .  ? A HOH 216 ? 1_555 SR ? C SR . ? A SR 101 ? 1_555 O  ? I HOH . ? B HOH 205 ? 1_555 72.0  ? 
23 O   ? H HOH .  ? A HOH 244 ? 1_555 SR ? C SR . ? A SR 101 ? 1_555 O  ? I HOH . ? B HOH 205 ? 1_555 77.7  ? 
24 O   ? I HOH .  ? B HOH 204 ? 1_555 SR ? C SR . ? A SR 101 ? 1_555 O  ? I HOH . ? B HOH 205 ? 1_555 73.1  ? 
25 O   ? H HOH .  ? A HOH 202 ? 1_555 SR ? C SR . ? A SR 101 ? 1_555 O  ? I HOH . ? B HOH 222 ? 1_555 77.0  ? 
26 O   ? H HOH .  ? A HOH 203 ? 1_555 SR ? C SR . ? A SR 101 ? 1_555 O  ? I HOH . ? B HOH 222 ? 1_555 77.8  ? 
27 O   ? H HOH .  ? A HOH 204 ? 1_555 SR ? C SR . ? A SR 101 ? 1_555 O  ? I HOH . ? B HOH 222 ? 1_555 119.2 ? 
28 O   ? H HOH .  ? A HOH 216 ? 1_555 SR ? C SR . ? A SR 101 ? 1_555 O  ? I HOH . ? B HOH 222 ? 1_555 145.0 ? 
29 O   ? H HOH .  ? A HOH 244 ? 1_555 SR ? C SR . ? A SR 101 ? 1_555 O  ? I HOH . ? B HOH 222 ? 1_555 75.3  ? 
30 O   ? I HOH .  ? B HOH 204 ? 1_555 SR ? C SR . ? A SR 101 ? 1_555 O  ? I HOH . ? B HOH 222 ? 1_555 70.8  ? 
31 O   ? I HOH .  ? B HOH 205 ? 1_555 SR ? C SR . ? A SR 101 ? 1_555 O  ? I HOH . ? B HOH 222 ? 1_555 138.7 ? 
32 O   ? H HOH .  ? A HOH 209 ? 1_555 SR ? E SR . ? B SR 101 ? 1_555 O6 ? B G   3 ? B G   3   ? 1_555 134.7 ? 
33 O   ? H HOH .  ? A HOH 209 ? 1_555 SR ? E SR . ? B SR 101 ? 1_555 O6 ? B G   4 ? B G   4   ? 1_555 68.5  ? 
34 O6  ? B G   3  ? B G   3   ? 1_555 SR ? E SR . ? B SR 101 ? 1_555 O6 ? B G   4 ? B G   4   ? 1_555 71.5  ? 
35 O   ? H HOH .  ? A HOH 209 ? 1_555 SR ? E SR . ? B SR 101 ? 1_555 O  ? I HOH . ? B HOH 203 ? 1_555 109.7 ? 
36 O6  ? B G   3  ? B G   3   ? 1_555 SR ? E SR . ? B SR 101 ? 1_555 O  ? I HOH . ? B HOH 203 ? 1_555 83.5  ? 
37 O6  ? B G   4  ? B G   4   ? 1_555 SR ? E SR . ? B SR 101 ? 1_555 O  ? I HOH . ? B HOH 203 ? 1_555 80.4  ? 
38 O   ? H HOH .  ? A HOH 209 ? 1_555 SR ? E SR . ? B SR 101 ? 1_555 O  ? I HOH . ? B HOH 214 ? 1_555 98.0  ? 
39 O6  ? B G   3  ? B G   3   ? 1_555 SR ? E SR . ? B SR 101 ? 1_555 O  ? I HOH . ? B HOH 214 ? 1_555 63.1  ? 
40 O6  ? B G   4  ? B G   4   ? 1_555 SR ? E SR . ? B SR 101 ? 1_555 O  ? I HOH . ? B HOH 214 ? 1_555 92.5  ? 
41 O   ? I HOH .  ? B HOH 203 ? 1_555 SR ? E SR . ? B SR 101 ? 1_555 O  ? I HOH . ? B HOH 214 ? 1_555 146.2 ? 
42 O   ? H HOH .  ? A HOH 209 ? 1_555 SR ? E SR . ? B SR 101 ? 1_555 O  ? I HOH . ? B HOH 216 ? 1_555 145.8 ? 
43 O6  ? B G   3  ? B G   3   ? 1_555 SR ? E SR . ? B SR 101 ? 1_555 O  ? I HOH . ? B HOH 216 ? 1_555 78.9  ? 
44 O6  ? B G   4  ? B G   4   ? 1_555 SR ? E SR . ? B SR 101 ? 1_555 O  ? I HOH . ? B HOH 216 ? 1_555 143.5 ? 
45 O   ? I HOH .  ? B HOH 203 ? 1_555 SR ? E SR . ? B SR 101 ? 1_555 O  ? I HOH . ? B HOH 216 ? 1_555 75.3  ? 
46 O   ? I HOH .  ? B HOH 214 ? 1_555 SR ? E SR . ? B SR 101 ? 1_555 O  ? I HOH . ? B HOH 216 ? 1_555 92.7  ? 
47 O   ? H HOH .  ? A HOH 209 ? 1_555 SR ? E SR . ? B SR 101 ? 1_555 O  ? I HOH . ? B HOH 219 ? 1_555 71.8  ? 
48 O6  ? B G   3  ? B G   3   ? 1_555 SR ? E SR . ? B SR 101 ? 1_555 O  ? I HOH . ? B HOH 219 ? 1_555 149.3 ? 
49 O6  ? B G   4  ? B G   4   ? 1_555 SR ? E SR . ? B SR 101 ? 1_555 O  ? I HOH . ? B HOH 219 ? 1_555 118.1 ? 
50 O   ? I HOH .  ? B HOH 203 ? 1_555 SR ? E SR . ? B SR 101 ? 1_555 O  ? I HOH . ? B HOH 219 ? 1_555 70.6  ? 
51 O   ? I HOH .  ? B HOH 214 ? 1_555 SR ? E SR . ? B SR 101 ? 1_555 O  ? I HOH . ? B HOH 219 ? 1_555 138.9 ? 
52 O   ? I HOH .  ? B HOH 216 ? 1_555 SR ? E SR . ? B SR 101 ? 1_555 O  ? I HOH . ? B HOH 219 ? 1_555 78.8  ? 
53 O   ? H HOH .  ? A HOH 209 ? 1_555 SR ? E SR . ? B SR 101 ? 1_555 O  ? I HOH . ? B HOH 221 ? 1_555 73.2  ? 
54 O6  ? B G   3  ? B G   3   ? 1_555 SR ? E SR . ? B SR 101 ? 1_555 O  ? I HOH . ? B HOH 221 ? 1_555 131.3 ? 
55 O6  ? B G   4  ? B G   4   ? 1_555 SR ? E SR . ? B SR 101 ? 1_555 O  ? I HOH . ? B HOH 221 ? 1_555 137.9 ? 
56 O   ? I HOH .  ? B HOH 203 ? 1_555 SR ? E SR . ? B SR 101 ? 1_555 O  ? I HOH . ? B HOH 221 ? 1_555 130.0 ? 
57 O   ? I HOH .  ? B HOH 214 ? 1_555 SR ? E SR . ? B SR 101 ? 1_555 O  ? I HOH . ? B HOH 221 ? 1_555 75.8  ? 
58 O   ? I HOH .  ? B HOH 216 ? 1_555 SR ? E SR . ? B SR 101 ? 1_555 O  ? I HOH . ? B HOH 221 ? 1_555 78.3  ? 
59 O   ? I HOH .  ? B HOH 219 ? 1_555 SR ? E SR . ? B SR 101 ? 1_555 O  ? I HOH . ? B HOH 221 ? 1_555 63.1  ? 
60 O6  ? B G   10 ? B G   10  ? 1_555 SR ? F SR . ? B SR 102 ? 1_555 O  ? I HOH . ? B HOH 234 ? 1_555 67.9  ? 
61 O6  ? B G   10 ? B G   10  ? 1_555 SR ? F SR . ? B SR 102 ? 1_555 O  ? I HOH . ? B HOH 237 ? 1_555 89.6  ? 
62 O   ? I HOH .  ? B HOH 234 ? 1_555 SR ? F SR . ? B SR 102 ? 1_555 O  ? I HOH . ? B HOH 237 ? 1_555 99.5  ? 
63 O6  ? B G   10 ? B G   10  ? 1_555 SR ? F SR . ? B SR 102 ? 1_555 O  ? I HOH . ? B HOH 241 ? 1_555 127.5 ? 
64 O   ? I HOH .  ? B HOH 234 ? 1_555 SR ? F SR . ? B SR 102 ? 1_555 O  ? I HOH . ? B HOH 241 ? 1_555 74.0  ? 
65 O   ? I HOH .  ? B HOH 237 ? 1_555 SR ? F SR . ? B SR 102 ? 1_555 O  ? I HOH . ? B HOH 241 ? 1_555 132.1 ? 
66 O6  ? B G   10 ? B G   10  ? 1_555 SR ? F SR . ? B SR 102 ? 1_555 O  ? I HOH . ? B HOH 245 ? 1_555 99.5  ? 
67 O   ? I HOH .  ? B HOH 234 ? 1_555 SR ? F SR . ? B SR 102 ? 1_555 O  ? I HOH . ? B HOH 245 ? 1_555 49.0  ? 
68 O   ? I HOH .  ? B HOH 237 ? 1_555 SR ? F SR . ? B SR 102 ? 1_555 O  ? I HOH . ? B HOH 245 ? 1_555 62.7  ? 
69 O   ? I HOH .  ? B HOH 241 ? 1_555 SR ? F SR . ? B SR 102 ? 1_555 O  ? I HOH . ? B HOH 245 ? 1_555 80.2  ? 
70 O6  ? B G   10 ? B G   10  ? 1_555 SR ? F SR . ? B SR 102 ? 1_555 O  ? I HOH . ? B HOH 250 ? 1_555 152.6 ? 
71 O   ? I HOH .  ? B HOH 234 ? 1_555 SR ? F SR . ? B SR 102 ? 1_555 O  ? I HOH . ? B HOH 250 ? 1_555 103.7 ? 
72 O   ? I HOH .  ? B HOH 237 ? 1_555 SR ? F SR . ? B SR 102 ? 1_555 O  ? I HOH . ? B HOH 250 ? 1_555 65.5  ? 
73 O   ? I HOH .  ? B HOH 241 ? 1_555 SR ? F SR . ? B SR 102 ? 1_555 O  ? I HOH . ? B HOH 250 ? 1_555 70.1  ? 
74 O   ? I HOH .  ? B HOH 245 ? 1_555 SR ? F SR . ? B SR 102 ? 1_555 O  ? I HOH . ? B HOH 250 ? 1_555 59.9  ? 
# 
loop_
_struct_site.id 
_struct_site.pdbx_evidence_code 
_struct_site.pdbx_auth_asym_id 
_struct_site.pdbx_auth_comp_id 
_struct_site.pdbx_auth_seq_id 
_struct_site.pdbx_auth_ins_code 
_struct_site.pdbx_num_residues 
_struct_site.details 
AC1 Software A SR 101 ? 8 'BINDING SITE FOR RESIDUE SR A 101' 
AC2 Software A SR 102 ? 5 'BINDING SITE FOR RESIDUE SR A 102' 
AC3 Software B SR 101 ? 8 'BINDING SITE FOR RESIDUE SR B 101' 
AC4 Software B SR 102 ? 9 'BINDING SITE FOR RESIDUE SR B 102' 
AC5 Software B SR 103 ? 6 'BINDING SITE FOR RESIDUE SR B 103' 
# 
loop_
_struct_site_gen.id 
_struct_site_gen.site_id 
_struct_site_gen.pdbx_num_res 
_struct_site_gen.label_comp_id 
_struct_site_gen.label_asym_id 
_struct_site_gen.label_seq_id 
_struct_site_gen.pdbx_auth_ins_code 
_struct_site_gen.auth_comp_id 
_struct_site_gen.auth_asym_id 
_struct_site_gen.auth_seq_id 
_struct_site_gen.label_atom_id 
_struct_site_gen.label_alt_id 
_struct_site_gen.symmetry 
_struct_site_gen.details 
1  AC1 8 HOH H .  ? HOH A 202 . ? 1_555 ? 
2  AC1 8 HOH H .  ? HOH A 203 . ? 1_555 ? 
3  AC1 8 HOH H .  ? HOH A 204 . ? 1_555 ? 
4  AC1 8 HOH H .  ? HOH A 216 . ? 1_555 ? 
5  AC1 8 HOH H .  ? HOH A 244 . ? 1_555 ? 
6  AC1 8 HOH I .  ? HOH B 204 . ? 1_555 ? 
7  AC1 8 HOH I .  ? HOH B 205 . ? 1_555 ? 
8  AC1 8 HOH I .  ? HOH B 222 . ? 1_555 ? 
9  AC2 5 G   A 6  ? G   A 6   . ? 1_555 ? 
10 AC2 5 HOH H .  ? HOH A 234 . ? 8_555 ? 
11 AC2 5 HOH H .  ? HOH A 242 . ? 1_555 ? 
12 AC2 5 HOH H .  ? HOH A 243 . ? 1_555 ? 
13 AC2 5 HOH H .  ? HOH A 248 . ? 1_555 ? 
14 AC3 8 HOH H .  ? HOH A 209 . ? 1_555 ? 
15 AC3 8 G   B 3  ? G   B 3   . ? 1_555 ? 
16 AC3 8 G   B 4  ? G   B 4   . ? 1_555 ? 
17 AC3 8 HOH I .  ? HOH B 203 . ? 1_555 ? 
18 AC3 8 HOH I .  ? HOH B 214 . ? 1_555 ? 
19 AC3 8 HOH I .  ? HOH B 216 . ? 1_555 ? 
20 AC3 8 HOH I .  ? HOH B 219 . ? 1_555 ? 
21 AC3 8 HOH I .  ? HOH B 221 . ? 1_555 ? 
22 AC4 9 HOH H .  ? HOH A 213 . ? 5_445 ? 
23 AC4 9 HOH H .  ? HOH A 214 . ? 5_445 ? 
24 AC4 9 G   B 10 ? G   B 10  . ? 1_555 ? 
25 AC4 9 SR  G .  ? SR  B 103 . ? 1_555 ? 
26 AC4 9 HOH I .  ? HOH B 234 . ? 1_555 ? 
27 AC4 9 HOH I .  ? HOH B 237 . ? 1_555 ? 
28 AC4 9 HOH I .  ? HOH B 241 . ? 1_555 ? 
29 AC4 9 HOH I .  ? HOH B 245 . ? 1_555 ? 
30 AC4 9 HOH I .  ? HOH B 250 . ? 1_555 ? 
31 AC5 6 G   A 9  ? G   A 9   . ? 5_445 ? 
32 AC5 6 G   A 10 ? G   A 10  . ? 5_445 ? 
33 AC5 6 HOH H .  ? HOH A 213 . ? 5_445 ? 
34 AC5 6 HOH H .  ? HOH A 214 . ? 5_445 ? 
35 AC5 6 G   B 10 ? G   B 10  . ? 1_555 ? 
36 AC5 6 SR  F .  ? SR  B 102 . ? 1_555 ? 
# 
loop_
_pdbx_validate_close_contact.id 
_pdbx_validate_close_contact.PDB_model_num 
_pdbx_validate_close_contact.auth_atom_id_1 
_pdbx_validate_close_contact.auth_asym_id_1 
_pdbx_validate_close_contact.auth_comp_id_1 
_pdbx_validate_close_contact.auth_seq_id_1 
_pdbx_validate_close_contact.PDB_ins_code_1 
_pdbx_validate_close_contact.label_alt_id_1 
_pdbx_validate_close_contact.auth_atom_id_2 
_pdbx_validate_close_contact.auth_asym_id_2 
_pdbx_validate_close_contact.auth_comp_id_2 
_pdbx_validate_close_contact.auth_seq_id_2 
_pdbx_validate_close_contact.PDB_ins_code_2 
_pdbx_validate_close_contact.label_alt_id_2 
_pdbx_validate_close_contact.dist 
1 1 OP2 A G   4   ? A O A HOH 224 ? ? 1.68 
2 1 O   A HOH 201 ? ? O A HOH 211 ? ? 1.82 
3 1 O   A HOH 238 ? ? O A HOH 259 ? ? 1.83 
4 1 O   A HOH 226 ? ? O A HOH 227 ? ? 1.98 
5 1 O   A HOH 222 ? ? O A HOH 257 ? ? 1.99 
6 1 O   A HOH 238 ? ? O A HOH 260 ? ? 2.14 
7 1 SR  A SR  102 ? ? O A HOH 243 ? ? 2.15 
# 
loop_
_pdbx_validate_rmsd_bond.id 
_pdbx_validate_rmsd_bond.PDB_model_num 
_pdbx_validate_rmsd_bond.auth_atom_id_1 
_pdbx_validate_rmsd_bond.auth_asym_id_1 
_pdbx_validate_rmsd_bond.auth_comp_id_1 
_pdbx_validate_rmsd_bond.auth_seq_id_1 
_pdbx_validate_rmsd_bond.PDB_ins_code_1 
_pdbx_validate_rmsd_bond.label_alt_id_1 
_pdbx_validate_rmsd_bond.auth_atom_id_2 
_pdbx_validate_rmsd_bond.auth_asym_id_2 
_pdbx_validate_rmsd_bond.auth_comp_id_2 
_pdbx_validate_rmsd_bond.auth_seq_id_2 
_pdbx_validate_rmsd_bond.PDB_ins_code_2 
_pdbx_validate_rmsd_bond.label_alt_id_2 
_pdbx_validate_rmsd_bond.bond_value 
_pdbx_validate_rmsd_bond.bond_target_value 
_pdbx_validate_rmsd_bond.bond_deviation 
_pdbx_validate_rmsd_bond.bond_standard_deviation 
_pdbx_validate_rmsd_bond.linker_flag 
1 1 P     A G 6  ? ? OP2 A G 6  ? ? 1.363 1.485 -0.122 0.017 N 
2 1 P     A G 10 ? ? OP2 A G 10 ? ? 1.374 1.485 -0.111 0.017 N 
3 1 P     B C 5  ? ? OP2 B C 5  ? ? 1.303 1.485 -0.182 0.017 N 
4 1 "O3'" B G 6  ? ? P   B C 7  ? ? 1.533 1.607 -0.074 0.012 Y 
# 
loop_
_pdbx_validate_rmsd_angle.id 
_pdbx_validate_rmsd_angle.PDB_model_num 
_pdbx_validate_rmsd_angle.auth_atom_id_1 
_pdbx_validate_rmsd_angle.auth_asym_id_1 
_pdbx_validate_rmsd_angle.auth_comp_id_1 
_pdbx_validate_rmsd_angle.auth_seq_id_1 
_pdbx_validate_rmsd_angle.PDB_ins_code_1 
_pdbx_validate_rmsd_angle.label_alt_id_1 
_pdbx_validate_rmsd_angle.auth_atom_id_2 
_pdbx_validate_rmsd_angle.auth_asym_id_2 
_pdbx_validate_rmsd_angle.auth_comp_id_2 
_pdbx_validate_rmsd_angle.auth_seq_id_2 
_pdbx_validate_rmsd_angle.PDB_ins_code_2 
_pdbx_validate_rmsd_angle.label_alt_id_2 
_pdbx_validate_rmsd_angle.auth_atom_id_3 
_pdbx_validate_rmsd_angle.auth_asym_id_3 
_pdbx_validate_rmsd_angle.auth_comp_id_3 
_pdbx_validate_rmsd_angle.auth_seq_id_3 
_pdbx_validate_rmsd_angle.PDB_ins_code_3 
_pdbx_validate_rmsd_angle.label_alt_id_3 
_pdbx_validate_rmsd_angle.angle_value 
_pdbx_validate_rmsd_angle.angle_target_value 
_pdbx_validate_rmsd_angle.angle_deviation 
_pdbx_validate_rmsd_angle.angle_standard_deviation 
_pdbx_validate_rmsd_angle.linker_flag 
1 1 "O5'" B C 8 ? A P B C 8 ? A OP2   B C 8 ? A 98.58  105.70 -7.12 0.90 N 
2 1 "O3'" B C 8 ? B P B G 9 ? ? "O5'" B G 9 ? ? 115.52 104.00 11.52 1.90 Y 
3 1 "O3'" B C 8 ? A P B G 9 ? ? OP2   B G 9 ? ? 120.07 110.50 9.57  1.10 Y 
# 
_pdbx_validate_planes.id              1 
_pdbx_validate_planes.PDB_model_num   1 
_pdbx_validate_planes.auth_comp_id    G 
_pdbx_validate_planes.auth_asym_id    A 
_pdbx_validate_planes.auth_seq_id     4 
_pdbx_validate_planes.PDB_ins_code    ? 
_pdbx_validate_planes.label_alt_id    A 
_pdbx_validate_planes.rmsd            0.060 
_pdbx_validate_planes.type            'SIDE CHAIN' 
# 
_pdbx_validate_polymer_linkage.id               1 
_pdbx_validate_polymer_linkage.PDB_model_num    1 
_pdbx_validate_polymer_linkage.auth_atom_id_1   "O3'" 
_pdbx_validate_polymer_linkage.auth_asym_id_1   B 
_pdbx_validate_polymer_linkage.auth_comp_id_1   C 
_pdbx_validate_polymer_linkage.auth_seq_id_1    7 
_pdbx_validate_polymer_linkage.PDB_ins_code_1   ? 
_pdbx_validate_polymer_linkage.label_alt_id_1   ? 
_pdbx_validate_polymer_linkage.auth_atom_id_2   P 
_pdbx_validate_polymer_linkage.auth_asym_id_2   B 
_pdbx_validate_polymer_linkage.auth_comp_id_2   C 
_pdbx_validate_polymer_linkage.auth_seq_id_2    8 
_pdbx_validate_polymer_linkage.PDB_ins_code_2   ? 
_pdbx_validate_polymer_linkage.label_alt_id_2   B 
_pdbx_validate_polymer_linkage.dist             2.84 
# 
loop_
_pdbx_struct_special_symmetry.id 
_pdbx_struct_special_symmetry.PDB_model_num 
_pdbx_struct_special_symmetry.auth_asym_id 
_pdbx_struct_special_symmetry.auth_comp_id 
_pdbx_struct_special_symmetry.auth_seq_id 
_pdbx_struct_special_symmetry.PDB_ins_code 
_pdbx_struct_special_symmetry.label_asym_id 
_pdbx_struct_special_symmetry.label_comp_id 
_pdbx_struct_special_symmetry.label_seq_id 
1 1 A HOH 205 ? H HOH . 
2 1 B HOH 254 ? I HOH . 
# 
loop_
_chem_comp_atom.comp_id 
_chem_comp_atom.atom_id 
_chem_comp_atom.type_symbol 
_chem_comp_atom.pdbx_aromatic_flag 
_chem_comp_atom.pdbx_stereo_config 
_chem_comp_atom.pdbx_ordinal 
C   OP3    O  N N 1  
C   P      P  N N 2  
C   OP1    O  N N 3  
C   OP2    O  N N 4  
C   "O5'"  O  N N 5  
C   "C5'"  C  N N 6  
C   "C4'"  C  N R 7  
C   "O4'"  O  N N 8  
C   "C3'"  C  N S 9  
C   "O3'"  O  N N 10 
C   "C2'"  C  N R 11 
C   "O2'"  O  N N 12 
C   "C1'"  C  N R 13 
C   N1     N  N N 14 
C   C2     C  N N 15 
C   O2     O  N N 16 
C   N3     N  N N 17 
C   C4     C  N N 18 
C   N4     N  N N 19 
C   C5     C  N N 20 
C   C6     C  N N 21 
C   HOP3   H  N N 22 
C   HOP2   H  N N 23 
C   "H5'"  H  N N 24 
C   "H5''" H  N N 25 
C   "H4'"  H  N N 26 
C   "H3'"  H  N N 27 
C   "HO3'" H  N N 28 
C   "H2'"  H  N N 29 
C   "HO2'" H  N N 30 
C   "H1'"  H  N N 31 
C   H41    H  N N 32 
C   H42    H  N N 33 
C   H5     H  N N 34 
C   H6     H  N N 35 
G   OP3    O  N N 36 
G   P      P  N N 37 
G   OP1    O  N N 38 
G   OP2    O  N N 39 
G   "O5'"  O  N N 40 
G   "C5'"  C  N N 41 
G   "C4'"  C  N R 42 
G   "O4'"  O  N N 43 
G   "C3'"  C  N S 44 
G   "O3'"  O  N N 45 
G   "C2'"  C  N R 46 
G   "O2'"  O  N N 47 
G   "C1'"  C  N R 48 
G   N9     N  Y N 49 
G   C8     C  Y N 50 
G   N7     N  Y N 51 
G   C5     C  Y N 52 
G   C6     C  N N 53 
G   O6     O  N N 54 
G   N1     N  N N 55 
G   C2     C  N N 56 
G   N2     N  N N 57 
G   N3     N  N N 58 
G   C4     C  Y N 59 
G   HOP3   H  N N 60 
G   HOP2   H  N N 61 
G   "H5'"  H  N N 62 
G   "H5''" H  N N 63 
G   "H4'"  H  N N 64 
G   "H3'"  H  N N 65 
G   "HO3'" H  N N 66 
G   "H2'"  H  N N 67 
G   "HO2'" H  N N 68 
G   "H1'"  H  N N 69 
G   H8     H  N N 70 
G   H1     H  N N 71 
G   H21    H  N N 72 
G   H22    H  N N 73 
HOH O      O  N N 74 
HOH H1     H  N N 75 
HOH H2     H  N N 76 
SR  SR     SR N N 77 
# 
loop_
_chem_comp_bond.comp_id 
_chem_comp_bond.atom_id_1 
_chem_comp_bond.atom_id_2 
_chem_comp_bond.value_order 
_chem_comp_bond.pdbx_aromatic_flag 
_chem_comp_bond.pdbx_stereo_config 
_chem_comp_bond.pdbx_ordinal 
C   OP3   P      sing N N 1  
C   OP3   HOP3   sing N N 2  
C   P     OP1    doub N N 3  
C   P     OP2    sing N N 4  
C   P     "O5'"  sing N N 5  
C   OP2   HOP2   sing N N 6  
C   "O5'" "C5'"  sing N N 7  
C   "C5'" "C4'"  sing N N 8  
C   "C5'" "H5'"  sing N N 9  
C   "C5'" "H5''" sing N N 10 
C   "C4'" "O4'"  sing N N 11 
C   "C4'" "C3'"  sing N N 12 
C   "C4'" "H4'"  sing N N 13 
C   "O4'" "C1'"  sing N N 14 
C   "C3'" "O3'"  sing N N 15 
C   "C3'" "C2'"  sing N N 16 
C   "C3'" "H3'"  sing N N 17 
C   "O3'" "HO3'" sing N N 18 
C   "C2'" "O2'"  sing N N 19 
C   "C2'" "C1'"  sing N N 20 
C   "C2'" "H2'"  sing N N 21 
C   "O2'" "HO2'" sing N N 22 
C   "C1'" N1     sing N N 23 
C   "C1'" "H1'"  sing N N 24 
C   N1    C2     sing N N 25 
C   N1    C6     sing N N 26 
C   C2    O2     doub N N 27 
C   C2    N3     sing N N 28 
C   N3    C4     doub N N 29 
C   C4    N4     sing N N 30 
C   C4    C5     sing N N 31 
C   N4    H41    sing N N 32 
C   N4    H42    sing N N 33 
C   C5    C6     doub N N 34 
C   C5    H5     sing N N 35 
C   C6    H6     sing N N 36 
G   OP3   P      sing N N 37 
G   OP3   HOP3   sing N N 38 
G   P     OP1    doub N N 39 
G   P     OP2    sing N N 40 
G   P     "O5'"  sing N N 41 
G   OP2   HOP2   sing N N 42 
G   "O5'" "C5'"  sing N N 43 
G   "C5'" "C4'"  sing N N 44 
G   "C5'" "H5'"  sing N N 45 
G   "C5'" "H5''" sing N N 46 
G   "C4'" "O4'"  sing N N 47 
G   "C4'" "C3'"  sing N N 48 
G   "C4'" "H4'"  sing N N 49 
G   "O4'" "C1'"  sing N N 50 
G   "C3'" "O3'"  sing N N 51 
G   "C3'" "C2'"  sing N N 52 
G   "C3'" "H3'"  sing N N 53 
G   "O3'" "HO3'" sing N N 54 
G   "C2'" "O2'"  sing N N 55 
G   "C2'" "C1'"  sing N N 56 
G   "C2'" "H2'"  sing N N 57 
G   "O2'" "HO2'" sing N N 58 
G   "C1'" N9     sing N N 59 
G   "C1'" "H1'"  sing N N 60 
G   N9    C8     sing Y N 61 
G   N9    C4     sing Y N 62 
G   C8    N7     doub Y N 63 
G   C8    H8     sing N N 64 
G   N7    C5     sing Y N 65 
G   C5    C6     sing N N 66 
G   C5    C4     doub Y N 67 
G   C6    O6     doub N N 68 
G   C6    N1     sing N N 69 
G   N1    C2     sing N N 70 
G   N1    H1     sing N N 71 
G   C2    N2     sing N N 72 
G   C2    N3     doub N N 73 
G   N2    H21    sing N N 74 
G   N2    H22    sing N N 75 
G   N3    C4     sing N N 76 
HOH O     H1     sing N N 77 
HOH O     H2     sing N N 78 
# 
loop_
_ndb_struct_conf_na.entry_id 
_ndb_struct_conf_na.feature 
4MSR 'double helix'        
4MSR 'a-form double helix' 
# 
loop_
_ndb_struct_na_base_pair.model_number 
_ndb_struct_na_base_pair.i_label_asym_id 
_ndb_struct_na_base_pair.i_label_comp_id 
_ndb_struct_na_base_pair.i_label_seq_id 
_ndb_struct_na_base_pair.i_symmetry 
_ndb_struct_na_base_pair.j_label_asym_id 
_ndb_struct_na_base_pair.j_label_comp_id 
_ndb_struct_na_base_pair.j_label_seq_id 
_ndb_struct_na_base_pair.j_symmetry 
_ndb_struct_na_base_pair.shear 
_ndb_struct_na_base_pair.stretch 
_ndb_struct_na_base_pair.stagger 
_ndb_struct_na_base_pair.buckle 
_ndb_struct_na_base_pair.propeller 
_ndb_struct_na_base_pair.opening 
_ndb_struct_na_base_pair.pair_number 
_ndb_struct_na_base_pair.pair_name 
_ndb_struct_na_base_pair.i_auth_asym_id 
_ndb_struct_na_base_pair.i_auth_seq_id 
_ndb_struct_na_base_pair.i_PDB_ins_code 
_ndb_struct_na_base_pair.j_auth_asym_id 
_ndb_struct_na_base_pair.j_auth_seq_id 
_ndb_struct_na_base_pair.j_PDB_ins_code 
_ndb_struct_na_base_pair.hbond_type_28 
_ndb_struct_na_base_pair.hbond_type_12 
1 A C 1  1_555 B G 10 1_555 0.108  -0.132 -0.289 16.215  -25.211 4.478  1  A_C1:G10_B A 1  ? B 10 ? 19 1 
1 A C 2  1_555 B G 9  1_555 0.280  -0.176 0.126  5.991   -18.625 0.889  2  A_C2:G9_B  A 2  ? B 9  ? 19 1 
1 A G 3  1_555 B C 8  1_555 0.512  -0.555 0.055  7.630   -4.669  0.245  3  A_G3:C8_B  A 3  ? B 8  ? 19 1 
1 A G 4  1_555 B C 7  1_555 -0.139 -0.070 -0.246 -18.515 4.183   2.137  4  A_G4:C7_B  A 4  ? B 7  ? 19 1 
1 A C 5  1_555 B G 6  1_555 0.130  -0.124 -0.028 7.514   -6.625  -0.991 5  A_C5:G6_B  A 5  ? B 6  ? 19 1 
1 A G 6  1_555 B C 5  1_555 -0.171 -0.149 -0.056 -5.123  -15.844 -0.280 6  A_G6:C5_B  A 6  ? B 5  ? 19 1 
1 A C 7  1_555 B G 4  1_555 0.240  0.039  -0.266 16.356  -11.211 3.605  7  A_C7:G4_B  A 7  ? B 4  ? 19 1 
1 A C 8  1_555 B G 3  1_555 0.076  -0.096 0.047  -2.619  -9.721  1.063  8  A_C8:G3_B  A 8  ? B 3  ? 19 1 
1 A G 9  1_555 B C 2  1_555 -0.242 -0.126 -0.413 -11.397 -15.835 1.575  9  A_G9:C2_B  A 9  ? B 2  ? 19 1 
1 A G 10 1_555 B C 1  1_555 -0.219 -0.060 -0.237 -15.130 -5.995  -0.057 10 A_G10:C1_B A 10 ? B 1  ? 19 1 
# 
loop_
_ndb_struct_na_base_pair_step.model_number 
_ndb_struct_na_base_pair_step.i_label_asym_id_1 
_ndb_struct_na_base_pair_step.i_label_comp_id_1 
_ndb_struct_na_base_pair_step.i_label_seq_id_1 
_ndb_struct_na_base_pair_step.i_symmetry_1 
_ndb_struct_na_base_pair_step.j_label_asym_id_1 
_ndb_struct_na_base_pair_step.j_label_comp_id_1 
_ndb_struct_na_base_pair_step.j_label_seq_id_1 
_ndb_struct_na_base_pair_step.j_symmetry_1 
_ndb_struct_na_base_pair_step.i_label_asym_id_2 
_ndb_struct_na_base_pair_step.i_label_comp_id_2 
_ndb_struct_na_base_pair_step.i_label_seq_id_2 
_ndb_struct_na_base_pair_step.i_symmetry_2 
_ndb_struct_na_base_pair_step.j_label_asym_id_2 
_ndb_struct_na_base_pair_step.j_label_comp_id_2 
_ndb_struct_na_base_pair_step.j_label_seq_id_2 
_ndb_struct_na_base_pair_step.j_symmetry_2 
_ndb_struct_na_base_pair_step.shift 
_ndb_struct_na_base_pair_step.slide 
_ndb_struct_na_base_pair_step.rise 
_ndb_struct_na_base_pair_step.tilt 
_ndb_struct_na_base_pair_step.roll 
_ndb_struct_na_base_pair_step.twist 
_ndb_struct_na_base_pair_step.x_displacement 
_ndb_struct_na_base_pair_step.y_displacement 
_ndb_struct_na_base_pair_step.helical_rise 
_ndb_struct_na_base_pair_step.inclination 
_ndb_struct_na_base_pair_step.tip 
_ndb_struct_na_base_pair_step.helical_twist 
_ndb_struct_na_base_pair_step.step_number 
_ndb_struct_na_base_pair_step.step_name 
_ndb_struct_na_base_pair_step.i_auth_asym_id_1 
_ndb_struct_na_base_pair_step.i_auth_seq_id_1 
_ndb_struct_na_base_pair_step.i_PDB_ins_code_1 
_ndb_struct_na_base_pair_step.j_auth_asym_id_1 
_ndb_struct_na_base_pair_step.j_auth_seq_id_1 
_ndb_struct_na_base_pair_step.j_PDB_ins_code_1 
_ndb_struct_na_base_pair_step.i_auth_asym_id_2 
_ndb_struct_na_base_pair_step.i_auth_seq_id_2 
_ndb_struct_na_base_pair_step.i_PDB_ins_code_2 
_ndb_struct_na_base_pair_step.j_auth_asym_id_2 
_ndb_struct_na_base_pair_step.j_auth_seq_id_2 
_ndb_struct_na_base_pair_step.j_PDB_ins_code_2 
1 A C 1 1_555 B G 10 1_555 A C 2  1_555 B G 9 1_555 -0.770 -1.690 3.489 -6.284 13.963 34.649 -4.400 0.383  2.727 22.155 9.971  
37.787 1 AA_C1C2:G9G10_BB A 1 ? B 10 ? A 2  ? B 9 ? 
1 A C 2 1_555 B G 9  1_555 A G 3  1_555 B C 8 1_555 -0.279 -1.608 2.978 -1.639 12.137 31.174 -4.451 0.261  2.226 21.570 2.912  
33.437 2 AA_C2G3:C8G9_BB  A 2 ? B 9  ? A 3  ? B 8 ? 
1 A G 3 1_555 B C 8  1_555 A G 4  1_555 B C 7 1_555 0.279  -2.610 3.713 4.641  5.772  41.592 -4.269 0.132  3.349 8.051  -6.475 
42.217 3 AA_G3G4:C7C8_BB  A 3 ? B 8  ? A 4  ? B 7 ? 
1 A G 4 1_555 B C 7  1_555 A C 5  1_555 B G 6 1_555 -0.608 -0.451 2.788 -1.789 11.024 27.341 -2.845 0.876  2.459 22.184 3.599  
29.494 4 AA_G4C5:G6C7_BB  A 4 ? B 7  ? A 5  ? B 6 ? 
1 A C 5 1_555 B G 6  1_555 A G 6  1_555 B C 5 1_555 0.759  -1.934 3.356 1.848  14.535 34.477 -4.781 -0.960 2.411 23.265 -2.958 
37.374 5 AA_C5G6:C5G6_BB  A 5 ? B 6  ? A 6  ? B 5 ? 
1 A G 6 1_555 B C 5  1_555 A C 7  1_555 B G 4 1_555 0.667  -0.977 2.787 3.635  10.103 32.806 -2.937 -0.662 2.446 17.319 -6.232 
34.473 6 AA_G6C7:G4C5_BB  A 6 ? B 5  ? A 7  ? B 4 ? 
1 A C 7 1_555 B G 4  1_555 A C 8  1_555 B G 3 1_555 -0.343 -2.447 3.454 -2.460 12.236 35.388 -5.321 0.231  2.517 19.399 3.901  
37.458 7 AA_C7C8:G3G4_BB  A 7 ? B 4  ? A 8  ? B 3 ? 
1 A C 8 1_555 B G 3  1_555 A G 9  1_555 B C 2 1_555 0.318  -1.766 3.446 2.197  14.318 29.364 -5.470 -0.207 2.370 26.322 -4.040 
32.672 8 AA_C8G9:C2G3_BB  A 8 ? B 3  ? A 9  ? B 2 ? 
1 A G 9 1_555 B C 2  1_555 A G 10 1_555 B C 1 1_555 0.091  -2.045 3.393 0.134  8.659  29.323 -5.515 -0.147 2.694 16.652 -0.257 
30.548 9 AA_G9G10:C1C2_BB A 9 ? B 2  ? A 10 ? B 1 ? 
# 
_atom_sites.entry_id                    4MSR 
_atom_sites.fract_transf_matrix[1][1]   0.02519953 
_atom_sites.fract_transf_matrix[1][2]   0.01284779 
_atom_sites.fract_transf_matrix[1][3]   -0.03007960 
_atom_sites.fract_transf_matrix[2][1]   0.01716649 
_atom_sites.fract_transf_matrix[2][2]   -0.00855397 
_atom_sites.fract_transf_matrix[2][3]   0.01072780 
_atom_sites.fract_transf_matrix[3][1]   -0.00161303 
_atom_sites.fract_transf_matrix[3][2]   -0.01062149 
_atom_sites.fract_transf_matrix[3][3]   -0.00588805 
_atom_sites.fract_transf_vector[1]      -0.293582 
_atom_sites.fract_transf_vector[2]      0.112495 
_atom_sites.fract_transf_vector[3]      0.113075 
# 
loop_
_atom_type.symbol 
C  
N  
O  
P  
SR 
# 
loop_
_atom_site.group_PDB 
_atom_site.id 
_atom_site.type_symbol 
_atom_site.label_atom_id 
_atom_site.label_alt_id 
_atom_site.label_comp_id 
_atom_site.label_asym_id 
_atom_site.label_entity_id 
_atom_site.label_seq_id 
_atom_site.pdbx_PDB_ins_code 
_atom_site.Cartn_x 
_atom_site.Cartn_y 
_atom_site.Cartn_z 
_atom_site.occupancy 
_atom_site.B_iso_or_equiv 
_atom_site.pdbx_formal_charge 
_atom_site.auth_seq_id 
_atom_site.auth_comp_id 
_atom_site.auth_asym_id 
_atom_site.auth_atom_id 
_atom_site.pdbx_PDB_model_num 
ATOM   1   O  "O5'" . C   A 1 1  ? -6.797  -6.862  -4.384  1.00 29.47 ? 1   C   A "O5'" 1 
ATOM   2   C  "C5'" . C   A 1 1  ? -7.482  -7.521  -5.468  1.00 24.05 ? 1   C   A "C5'" 1 
ATOM   3   C  "C4'" . C   A 1 1  ? -8.048  -6.536  -6.481  1.00 22.41 ? 1   C   A "C4'" 1 
ATOM   4   O  "O4'" . C   A 1 1  ? -9.304  -6.017  -5.989  1.00 21.12 ? 1   C   A "O4'" 1 
ATOM   5   C  "C3'" . C   A 1 1  ? -7.251  -5.270  -6.799  1.00 20.45 ? 1   C   A "C3'" 1 
ATOM   6   O  "O3'" . C   A 1 1  ? -6.296  -5.526  -7.811  1.00 20.73 ? 1   C   A "O3'" 1 
ATOM   7   C  "C2'" . C   A 1 1  ? -8.330  -4.368  -7.361  1.00 19.98 ? 1   C   A "C2'" 1 
ATOM   8   O  "O2'" . C   A 1 1  ? -8.684  -4.813  -8.667  1.00 24.05 ? 1   C   A "O2'" 1 
ATOM   9   C  "C1'" . C   A 1 1  ? -9.488  -4.680  -6.421  1.00 18.44 ? 1   C   A "C1'" 1 
ATOM   10  N  N1    . C   A 1 1  ? -9.579  -3.786  -5.234  1.00 16.70 ? 1   C   A N1    1 
ATOM   11  C  C2    . C   A 1 1  ? -10.113 -2.507  -5.390  1.00 16.58 ? 1   C   A C2    1 
ATOM   12  O  O2    . C   A 1 1  ? -10.418 -2.125  -6.528  1.00 20.11 ? 1   C   A O2    1 
ATOM   13  N  N3    . C   A 1 1  ? -10.240 -1.698  -4.315  1.00 18.46 ? 1   C   A N3    1 
ATOM   14  C  C4    . C   A 1 1  ? -9.877  -2.144  -3.106  1.00 15.31 ? 1   C   A C4    1 
ATOM   15  N  N4    . C   A 1 1  ? -10.071 -1.344  -2.063  1.00 18.45 ? 1   C   A N4    1 
ATOM   16  C  C5    . C   A 1 1  ? -9.320  -3.443  -2.917  1.00 15.94 ? 1   C   A C5    1 
ATOM   17  C  C6    . C   A 1 1  ? -9.170  -4.219  -4.003  1.00 17.57 ? 1   C   A C6    1 
ATOM   18  P  P     . C   A 1 2  ? -4.806  -4.965  -7.592  1.00 20.41 ? 2   C   A P     1 
ATOM   19  O  OP1   . C   A 1 2  ? -3.972  -5.761  -8.511  1.00 23.08 ? 2   C   A OP1   1 
ATOM   20  O  OP2   . C   A 1 2  ? -4.447  -4.906  -6.137  1.00 19.70 ? 2   C   A OP2   1 
ATOM   21  O  "O5'" . C   A 1 2  ? -4.963  -3.479  -8.115  1.00 18.53 ? 2   C   A "O5'" 1 
ATOM   22  C  "C5'" . C   A 1 2  ? -5.109  -3.174  -9.498  1.00 17.83 ? 2   C   A "C5'" 1 
ATOM   23  C  "C4'" . C   A 1 2  ? -5.297  -1.703  -9.610  1.00 17.71 ? 2   C   A "C4'" 1 
ATOM   24  O  "O4'" . C   A 1 2  ? -6.516  -1.323  -8.929  1.00 17.70 ? 2   C   A "O4'" 1 
ATOM   25  C  "C3'" . C   A 1 2  ? -4.247  -0.845  -8.923  1.00 16.34 ? 2   C   A "C3'" 1 
ATOM   26  O  "O3'" . C   A 1 2  ? -3.047  -0.788  -9.686  1.00 17.27 ? 2   C   A "O3'" 1 
ATOM   27  C  "C2'" . C   A 1 2  ? -4.972  0.469   -8.816  1.00 16.64 ? 2   C   A "C2'" 1 
ATOM   28  O  "O2'" . C   A 1 2  ? -5.105  1.039   -10.093 1.00 18.76 ? 2   C   A "O2'" 1 
ATOM   29  C  "C1'" . C   A 1 2  ? -6.348  -0.025  -8.411  1.00 16.37 ? 2   C   A "C1'" 1 
ATOM   30  N  N1    . C   A 1 2  ? -6.556  -0.070  -6.956  1.00 15.35 ? 2   C   A N1    1 
ATOM   31  C  C2    . C   A 1 2  ? -6.854  1.141   -6.346  1.00 16.02 ? 2   C   A C2    1 
ATOM   32  O  O2    . C   A 1 2  ? -6.909  2.158   -7.049  1.00 17.36 ? 2   C   A O2    1 
ATOM   33  N  N3    . C   A 1 2  ? -7.142  1.166   -5.019  1.00 15.00 ? 2   C   A N3    1 
ATOM   34  C  C4    . C   A 1 2  ? -6.993  0.060   -4.292  1.00 13.72 ? 2   C   A C4    1 
ATOM   35  N  N4    . C   A 1 2  ? -7.257  0.116   -2.990  1.00 14.32 ? 2   C   A N4    1 
ATOM   36  C  C5    . C   A 1 2  ? -6.655  -1.187  -4.885  1.00 14.97 ? 2   C   A C5    1 
ATOM   37  C  C6    . C   A 1 2  ? -6.405  -1.198  -6.201  1.00 14.78 ? 2   C   A C6    1 
ATOM   38  P  P     A G   A 1 3  ? -1.680  -0.419  -8.862  0.50 16.48 ? 3   G   A P     1 
ATOM   39  P  P     B G   A 1 3  ? -1.605  -0.816  -9.055  0.50 18.83 ? 3   G   A P     1 
ATOM   40  O  OP1   A G   A 1 3  ? -0.495  -0.476  -9.751  0.50 17.14 ? 3   G   A OP1   1 
ATOM   41  O  OP1   B G   A 1 3  ? -0.720  -1.210  -10.184 0.50 18.71 ? 3   G   A OP1   1 
ATOM   42  O  OP2   A G   A 1 3  ? -1.614  -1.089  -7.484  0.50 15.97 ? 3   G   A OP2   1 
ATOM   43  O  OP2   B G   A 1 3  ? -1.721  -1.685  -7.870  0.50 19.94 ? 3   G   A OP2   1 
ATOM   44  O  "O5'" A G   A 1 3  ? -1.842  1.137   -8.573  0.50 14.94 ? 3   G   A "O5'" 1 
ATOM   45  O  "O5'" B G   A 1 3  ? -1.435  0.713   -8.621  0.50 15.16 ? 3   G   A "O5'" 1 
ATOM   46  C  "C5'" A G   A 1 3  ? -2.072  2.144   -9.585  0.50 15.51 ? 3   G   A "C5'" 1 
ATOM   47  C  "C5'" B G   A 1 3  ? -1.339  1.733   -9.628  0.50 12.78 ? 3   G   A "C5'" 1 
ATOM   48  C  "C4'" A G   A 1 3  ? -2.236  3.483   -8.887  0.50 16.59 ? 3   G   A "C4'" 1 
ATOM   49  C  "C4'" B G   A 1 3  ? -1.256  3.068   -8.958  0.50 11.65 ? 3   G   A "C4'" 1 
ATOM   50  O  "O4'" A G   A 1 3  ? -3.296  3.396   -7.888  0.50 15.74 ? 3   G   A "O4'" 1 
ATOM   51  O  "O4'" B G   A 1 3  ? -2.514  3.411   -8.313  0.50 11.66 ? 3   G   A "O4'" 1 
ATOM   52  C  "C3'" A G   A 1 3  ? -1.012  4.018   -8.143  0.50 17.33 ? 3   G   A "C3'" 1 
ATOM   53  C  "C3'" B G   A 1 3  ? -0.233  3.152   -7.849  0.50 13.55 ? 3   G   A "C3'" 1 
ATOM   54  O  "O3'" A G   A 1 3  ? -0.987  5.434   -8.267  0.50 19.49 ? 3   G   A "O3'" 1 
ATOM   55  O  "O3'" B G   A 1 3  ? 1.041   3.263   -8.442  0.50 16.03 ? 3   G   A "O3'" 1 
ATOM   56  C  "C2'" A G   A 1 3  ? -1.333  3.702   -6.688  0.50 15.58 ? 3   G   A "C2'" 1 
ATOM   57  C  "C2'" B G   A 1 3  ? -0.713  4.374   -7.096  0.50 12.89 ? 3   G   A "C2'" 1 
ATOM   58  O  "O2'" A G   A 1 3  ? -0.781  4.671   -5.834  0.50 18.90 ? 3   G   A "O2'" 1 
ATOM   59  O  "O2'" B G   A 1 3  ? -0.333  5.538   -7.818  0.50 14.28 ? 3   G   A "O2'" 1 
ATOM   60  C  "C1'" A G   A 1 3  ? -2.839  3.946   -6.662  0.50 14.17 ? 3   G   A "C1'" 1 
ATOM   61  C  "C1'" B G   A 1 3  ? -2.244  4.187   -7.161  0.50 10.53 ? 3   G   A "C1'" 1 
ATOM   62  N  N9    A G   A 1 3  ? -3.472  3.232   -5.559  0.50 12.13 ? 3   G   A N9    1 
ATOM   63  N  N9    B G   A 1 3  ? -2.837  3.497   -6.014  0.50 10.58 ? 3   G   A N9    1 
ATOM   64  C  C8    A G   A 1 3  ? -3.577  1.866   -5.449  0.50 11.22 ? 3   G   A C8    1 
ATOM   65  C  C8    B G   A 1 3  ? -2.948  2.131   -5.854  0.50 9.66  ? 3   G   A C8    1 
ATOM   66  N  N7    A G   A 1 3  ? -4.120  1.483   -4.326  0.50 10.79 ? 3   G   A N7    1 
ATOM   67  N  N7    B G   A 1 3  ? -3.501  1.791   -4.720  0.50 8.98  ? 3   G   A N7    1 
ATOM   68  C  C5    A G   A 1 3  ? -4.337  2.663   -3.626  0.50 11.11 ? 3   G   A C5    1 
ATOM   69  C  C5    B G   A 1 3  ? -3.823  3.000   -4.115  0.50 9.05  ? 3   G   A C5    1 
ATOM   70  C  C6    A G   A 1 3  ? -4.949  2.872   -2.374  0.50 11.26 ? 3   G   A C6    1 
ATOM   71  C  C6    B G   A 1 3  ? -4.495  3.267   -2.893  0.50 8.60  ? 3   G   A C6    1 
ATOM   72  O  O6    A G   A 1 3  ? -5.350  2.025   -1.566  0.50 12.36 ? 3   G   A O6    1 
ATOM   73  O  O6    B G   A 1 3  ? -4.901  2.468   -2.042  0.50 8.83  ? 3   G   A O6    1 
ATOM   74  N  N1    A G   A 1 3  ? -4.992  4.226   -2.047  0.50 10.23 ? 3   G   A N1    1 
ATOM   75  N  N1    B G   A 1 3  ? -4.579  4.629   -2.640  0.50 8.44  ? 3   G   A N1    1 
ATOM   76  C  C2    A G   A 1 3  ? -4.543  5.244   -2.848  0.50 11.44 ? 3   G   A C2    1 
ATOM   77  C  C2    B G   A 1 3  ? -4.126  5.612   -3.482  0.50 9.12  ? 3   G   A C2    1 
ATOM   78  N  N2    A G   A 1 3  ? -4.666  6.488   -2.354  0.50 12.57 ? 3   G   A N2    1 
ATOM   79  N  N2    B G   A 1 3  ? -4.317  6.872   -3.062  0.50 9.38  ? 3   G   A N2    1 
ATOM   80  N  N3    A G   A 1 3  ? -4.041  5.062   -4.058  0.50 11.51 ? 3   G   A N3    1 
ATOM   81  N  N3    B G   A 1 3  ? -3.560  5.381   -4.666  0.50 10.37 ? 3   G   A N3    1 
ATOM   82  C  C4    A G   A 1 3  ? -3.967  3.756   -4.382  0.50 11.14 ? 3   G   A C4    1 
ATOM   83  C  C4    B G   A 1 3  ? -3.448  4.064   -4.916  0.50 9.00  ? 3   G   A C4    1 
ATOM   84  P  P     A G   A 1 4  ? 0.764   4.951   -5.656  0.50 18.77 ? 4   G   A P     1 
ATOM   85  P  P     B G   A 1 4  ? 0.657   6.606   -7.141  0.50 14.37 ? 4   G   A P     1 
ATOM   86  O  OP1   A G   A 1 4  ? 1.424   5.482   -6.857  0.50 18.71 ? 4   G   A OP1   1 
ATOM   87  O  OP1   B G   A 1 4  ? 0.532   7.828   -7.923  0.50 18.15 ? 4   G   A OP1   1 
ATOM   88  O  OP2   A G   A 1 4  ? 1.252   3.742   -5.053  0.50 19.31 ? 4   G   A OP2   1 
ATOM   89  O  OP2   B G   A 1 4  ? 2.031   6.119   -6.926  0.50 16.57 ? 4   G   A OP2   1 
ATOM   90  O  "O5'" A G   A 1 4  ? 0.723   6.067   -4.522  0.50 17.54 ? 4   G   A "O5'" 1 
ATOM   91  O  "O5'" B G   A 1 4  ? -0.031  6.833   -5.723  0.50 15.47 ? 4   G   A "O5'" 1 
ATOM   92  C  "C5'" A G   A 1 4  ? 0.187   7.367   -4.792  0.50 18.29 ? 4   G   A "C5'" 1 
ATOM   93  C  "C5'" B G   A 1 4  ? 0.775   6.832   -4.541  0.50 11.18 ? 4   G   A "C5'" 1 
ATOM   94  C  "C4'" A G   A 1 4  ? -0.104  8.052   -3.484  0.50 15.32 ? 4   G   A "C4'" 1 
ATOM   95  C  "C4'" B G   A 1 4  ? 0.127   7.716   -3.519  0.50 11.07 ? 4   G   A "C4'" 1 
ATOM   96  O  "O4'" A G   A 1 4  ? -1.375  7.569   -2.954  0.50 15.97 ? 4   G   A "O4'" 1 
ATOM   97  O  "O4'" B G   A 1 4  ? -1.175  7.152   -3.194  0.50 10.46 ? 4   G   A "O4'" 1 
ATOM   98  C  "C3'" A G   A 1 4  ? 0.898   7.762   -2.381  0.50 15.06 ? 4   G   A "C3'" 1 
ATOM   99  C  "C3'" B G   A 1 4  ? 0.861   7.806   -2.193  0.50 11.44 ? 4   G   A "C3'" 1 
ATOM   100 O  "O3'" A G   A 1 4  ? 1.942   8.735   -2.430  0.50 16.14 ? 4   G   A "O3'" 1 
ATOM   101 O  "O3'" B G   A 1 4  ? 1.875   8.812   -2.255  0.50 14.64 ? 4   G   A "O3'" 1 
ATOM   102 C  "C2'" A G   A 1 4  ? 0.077   8.008   -1.129  0.50 15.29 ? 4   G   A "C2'" 1 
ATOM   103 C  "C2'" B G   A 1 4  ? -0.268  8.133   -1.237  0.50 11.56 ? 4   G   A "C2'" 1 
ATOM   104 O  "O2'" A G   A 1 4  ? -0.238  9.379   -0.999  0.50 14.21 ? 4   G   A "O2'" 1 
ATOM   105 O  "O2'" B G   A 1 4  ? -0.636  9.515   -1.316  0.50 11.70 ? 4   G   A "O2'" 1 
ATOM   106 C  "C1'" A G   A 1 4  ? -1.269  7.436   -1.540  0.50 14.63 ? 4   G   A "C1'" 1 
ATOM   107 C  "C1'" B G   A 1 4  ? -1.347  7.206   -1.784  0.50 10.90 ? 4   G   A "C1'" 1 
ATOM   108 N  N9    A G   A 1 4  ? -1.497  6.041   -1.199  0.50 13.38 ? 4   G   A N9    1 
ATOM   109 N  N9    B G   A 1 4  ? -1.443  5.833   -1.283  0.50 9.32  ? 4   G   A N9    1 
ATOM   110 C  C8    A G   A 1 4  ? -1.462  4.982   -2.075  0.50 13.54 ? 4   G   A C8    1 
ATOM   111 C  C8    B G   A 1 4  ? -1.336  4.664   -2.006  0.50 9.19  ? 4   G   A C8    1 
ATOM   112 N  N7    A G   A 1 4  ? -1.806  3.852   -1.519  0.50 13.11 ? 4   G   A N7    1 
ATOM   113 N  N7    B G   A 1 4  ? -1.687  3.608   -1.322  0.50 9.38  ? 4   G   A N7    1 
ATOM   114 C  C5    A G   A 1 4  ? -2.154  4.195   -0.218  0.50 11.54 ? 4   G   A C5    1 
ATOM   115 C  C5    B G   A 1 4  ? -2.103  4.112   -0.097  0.50 8.78  ? 4   G   A C5    1 
ATOM   116 C  C6    A G   A 1 4  ? -2.667  3.395   0.839   0.50 10.76 ? 4   G   A C6    1 
ATOM   117 C  C6    B G   A 1 4  ? -2.652  3.447   1.028   0.50 8.78  ? 4   G   A C6    1 
ATOM   118 O  O6    A G   A 1 4  ? -2.941  2.190   0.833   0.50 10.91 ? 4   G   A O6    1 
ATOM   119 O  O6    B G   A 1 4  ? -2.882  2.238   1.177   0.50 9.34  ? 4   G   A O6    1 
ATOM   120 N  N1    A G   A 1 4  ? -2.878  4.145   1.992   0.50 11.00 ? 4   G   A N1    1 
ATOM   121 N  N1    B G   A 1 4  ? -2.942  4.339   2.054   0.50 9.23  ? 4   G   A N1    1 
ATOM   122 C  C2    A G   A 1 4  ? -2.632  5.487   2.125   0.50 10.65 ? 4   G   A C2    1 
ATOM   123 C  C2    B G   A 1 4  ? -2.755  5.698   2.006   0.50 9.21  ? 4   G   A C2    1 
ATOM   124 N  N2    A G   A 1 4  ? -2.872  6.014   3.348   0.50 10.48 ? 4   G   A N2    1 
ATOM   125 N  N2    B G   A 1 4  ? -3.093  6.381   3.115   0.50 10.15 ? 4   G   A N2    1 
ATOM   126 N  N3    A G   A 1 4  ? -2.126  6.242   1.155   0.50 10.60 ? 4   G   A N3    1 
ATOM   127 N  N3    B G   A 1 4  ? -2.233  6.331   0.966   0.50 9.89  ? 4   G   A N3    1 
ATOM   128 C  C4    A G   A 1 4  ? -1.958  5.541   0.003   0.50 11.63 ? 4   G   A C4    1 
ATOM   129 C  C4    B G   A 1 4  ? -1.968  5.486   -0.058  0.50 9.14  ? 4   G   A C4    1 
ATOM   130 P  P     . C   A 1 5  ? 3.333   8.514   -1.710  1.00 16.59 ? 5   C   A P     1 
ATOM   131 O  OP1   . C   A 1 5  ? 4.256   9.549   -2.227  1.00 19.63 ? 5   C   A OP1   1 
ATOM   132 O  OP2   . C   A 1 5  ? 3.650   7.148   -1.885  1.00 16.67 ? 5   C   A OP2   1 
ATOM   133 O  "O5'" . C   A 1 5  ? 3.118   8.703   -0.165  1.00 15.47 ? 5   C   A "O5'" 1 
ATOM   134 C  "C5'" . C   A 1 5  ? 2.542   9.907   0.319   1.00 15.82 ? 5   C   A "C5'" 1 
ATOM   135 C  "C4'" . C   A 1 5  ? 2.314   9.814   1.816   1.00 14.97 ? 5   C   A "C4'" 1 
ATOM   136 O  "O4'" . C   A 1 5  ? 1.373   8.699   2.037   1.00 13.79 ? 5   C   A "O4'" 1 
ATOM   137 C  "C3'" . C   A 1 5  ? 3.577   9.446   2.595   1.00 15.40 ? 5   C   A "C3'" 1 
ATOM   138 O  "O3'" . C   A 1 5  ? 3.536   10.093  3.858   1.00 16.51 ? 5   C   A "O3'" 1 
ATOM   139 C  "C2'" . C   A 1 5  ? 3.471   7.932   2.724   1.00 14.35 ? 5   C   A "C2'" 1 
ATOM   140 O  "O2'" . C   A 1 5  ? 4.125   7.450   3.885   1.00 15.13 ? 5   C   A "O2'" 1 
ATOM   141 C  "C1'" . C   A 1 5  ? 1.963   7.756   2.912   1.00 13.31 ? 5   C   A "C1'" 1 
ATOM   142 N  N1    . C   A 1 5  ? 1.522   6.421   2.491   1.00 11.55 ? 5   C   A N1    1 
ATOM   143 C  C2    . C   A 1 5  ? 0.766   5.643   3.378   1.00 10.75 ? 5   C   A C2    1 
ATOM   144 O  O2    . C   A 1 5  ? 0.423   6.129   4.458   1.00 11.55 ? 5   C   A O2    1 
ATOM   145 N  N3    . C   A 1 5  ? 0.409   4.391   3.007   1.00 10.57 ? 5   C   A N3    1 
ATOM   146 C  C4    . C   A 1 5  ? 0.767   3.918   1.809   1.00 10.89 ? 5   C   A C4    1 
ATOM   147 N  N4    . C   A 1 5  ? 0.449   2.655   1.489   1.00 10.36 ? 5   C   A N4    1 
ATOM   148 C  C5    . C   A 1 5  ? 1.505   4.706   0.882   1.00 11.17 ? 5   C   A C5    1 
ATOM   149 C  C6    . C   A 1 5  ? 1.849   5.939   1.257   1.00 12.73 ? 5   C   A C6    1 
ATOM   150 P  P     . G   A 1 6  ? 5.672   7.188   3.884   1.00 18.15 ? 6   G   A P     1 
ATOM   151 O  OP1   . G   A 1 6  ? 6.271   8.560   3.954   1.00 21.38 ? 6   G   A OP1   1 
ATOM   152 O  OP2   . G   A 1 6  ? 6.031   6.334   2.885   1.00 18.49 ? 6   G   A OP2   1 
ATOM   153 O  "O5'" . G   A 1 6  ? 5.928   6.370   5.223   1.00 16.39 ? 6   G   A "O5'" 1 
ATOM   154 C  "C5'" . G   A 1 6  ? 5.581   6.971   6.461   1.00 16.74 ? 6   G   A "C5'" 1 
ATOM   155 C  "C4'" . G   A 1 6  ? 4.807   6.008   7.316   1.00 13.65 ? 6   G   A "C4'" 1 
ATOM   156 O  "O4'" . G   A 1 6  ? 3.557   5.693   6.640   1.00 12.66 ? 6   G   A "O4'" 1 
ATOM   157 C  "C3'" . G   A 1 6  ? 5.399   4.635   7.524   1.00 13.18 ? 6   G   A "C3'" 1 
ATOM   158 O  "O3'" . G   A 1 6  ? 6.409   4.820   8.542   1.00 14.51 ? 6   G   A "O3'" 1 
ATOM   159 C  "C2'" . G   A 1 6  ? 4.177   3.869   7.984   1.00 13.15 ? 6   G   A "C2'" 1 
ATOM   160 O  "O2'" . G   A 1 6  ? 3.785   4.218   9.294   1.00 15.09 ? 6   G   A "O2'" 1 
ATOM   161 C  "C1'" . G   A 1 6  ? 3.124   4.407   7.020   1.00 13.13 ? 6   G   A "C1'" 1 
ATOM   162 N  N9    . G   A 1 6  ? 3.047   3.570   5.822   1.00 11.52 ? 6   G   A N9    1 
ATOM   163 C  C8    . G   A 1 6  ? 3.470   3.818   4.534   1.00 10.62 ? 6   G   A C8    1 
ATOM   164 N  N7    . G   A 1 6  ? 3.201   2.834   3.716   1.00 11.22 ? 6   G   A N7    1 
ATOM   165 C  C5    . G   A 1 6  ? 2.546   1.888   4.508   1.00 10.25 ? 6   G   A C5    1 
ATOM   166 C  C6    . G   A 1 6  ? 2.023   0.599   4.175   1.00 10.22 ? 6   G   A C6    1 
ATOM   167 O  O6    . G   A 1 6  ? 1.974   0.050   3.076   1.00 11.26 ? 6   G   A O6    1 
ATOM   168 N  N1    . G   A 1 6  ? 1.448   -0.021  5.284   1.00 9.65  ? 6   G   A N1    1 
ATOM   169 C  C2    . G   A 1 6  ? 1.438   0.507   6.555   1.00 10.16 ? 6   G   A C2    1 
ATOM   170 N  N2    . G   A 1 6  ? 0.865   -0.242  7.513   1.00 11.01 ? 6   G   A N2    1 
ATOM   171 N  N3    . G   A 1 6  ? 1.881   1.725   6.855   1.00 10.21 ? 6   G   A N3    1 
ATOM   172 C  C4    . G   A 1 6  ? 2.435   2.336   5.802   1.00 10.16 ? 6   G   A C4    1 
ATOM   173 P  P     . C   A 1 7  ? 7.759   4.040   8.530   1.00 16.44 ? 7   C   A P     1 
ATOM   174 O  OP1   . C   A 1 7  ? 8.649   4.743   9.531   1.00 19.19 ? 7   C   A OP1   1 
ATOM   175 O  OP2   . C   A 1 7  ? 8.237   3.857   7.183   1.00 17.76 ? 7   C   A OP2   1 
ATOM   176 O  "O5'" . C   A 1 7  ? 7.431   2.606   9.049   1.00 17.44 ? 7   C   A "O5'" 1 
ATOM   177 C  "C5'" . C   A 1 7  ? 6.705   2.428   10.250  1.00 18.03 ? 7   C   A "C5'" 1 
ATOM   178 C  "C4'" . C   A 1 7  ? 6.242   1.014   10.336  1.00 17.93 ? 7   C   A "C4'" 1 
ATOM   179 O  "O4'" . C   A 1 7  ? 5.432   0.779   9.133   1.00 17.20 ? 7   C   A "O4'" 1 
ATOM   180 C  "C3'" . C   A 1 7  ? 7.360   -0.014  10.294  1.00 19.72 ? 7   C   A "C3'" 1 
ATOM   181 O  "O3'" . C   A 1 7  ? 7.079   -1.111  11.156  1.00 22.98 ? 7   C   A "O3'" 1 
ATOM   182 C  "C2'" . C   A 1 7  ? 7.354   -0.464  8.834   1.00 17.47 ? 7   C   A "C2'" 1 
ATOM   183 O  "O2'" . C   A 1 7  ? 7.806   -1.759  8.494   1.00 17.95 ? 7   C   A "O2'" 1 
ATOM   184 C  "C1'" . C   A 1 7  ? 5.859   -0.389  8.505   1.00 17.16 ? 7   C   A "C1'" 1 
ATOM   185 N  N1    . C   A 1 7  ? 5.606   -0.279  7.051   1.00 14.04 ? 7   C   A N1    1 
ATOM   186 C  C2    . C   A 1 7  ? 4.737   -1.209  6.441   1.00 13.19 ? 7   C   A C2    1 
ATOM   187 O  O2    . C   A 1 7  ? 4.089   -1.983  7.156   1.00 14.97 ? 7   C   A O2    1 
ATOM   188 N  N3    . C   A 1 7  ? 4.587   -1.190  5.097   1.00 11.19 ? 7   C   A N3    1 
ATOM   189 C  C4    . C   A 1 7  ? 5.261   -0.310  4.363   1.00 11.82 ? 7   C   A C4    1 
ATOM   190 N  N4    . C   A 1 7  ? 5.115   -0.366  3.043   1.00 12.62 ? 7   C   A N4    1 
ATOM   191 C  C5    . C   A 1 7  ? 6.057   0.721   4.962   1.00 12.95 ? 7   C   A C5    1 
ATOM   192 C  C6    . C   A 1 7  ? 6.253   0.656   6.289   1.00 14.23 ? 7   C   A C6    1 
ATOM   193 P  P     . C   A 1 8  ? 9.241   -2.304  8.792   1.00 18.29 ? 8   C   A P     1 
ATOM   194 O  OP1   . C   A 1 8  ? 9.746   -1.909  10.166  1.00 18.82 ? 8   C   A OP1   1 
ATOM   195 O  OP2   . C   A 1 8  ? 10.072  -1.953  7.676   1.00 18.56 ? 8   C   A OP2   1 
ATOM   196 O  "O5'" . C   A 1 8  ? 8.987   -3.862  8.640   1.00 16.46 ? 8   C   A "O5'" 1 
ATOM   197 C  "C5'" . C   A 1 8  ? 8.380   -4.684  9.665   1.00 16.63 ? 8   C   A "C5'" 1 
ATOM   198 C  "C4'" . C   A 1 8  ? 7.742   -5.866  9.008   1.00 15.86 ? 8   C   A "C4'" 1 
ATOM   199 O  "O4'" . C   A 1 8  ? 6.558   -5.449  8.291   1.00 15.82 ? 8   C   A "O4'" 1 
ATOM   200 C  "C3'" . C   A 1 8  ? 8.545   -6.548  7.904   1.00 14.78 ? 8   C   A "C3'" 1 
ATOM   201 O  "O3'" . C   A 1 8  ? 9.527   -7.370  8.490   1.00 15.74 ? 8   C   A "O3'" 1 
ATOM   202 C  "C2'" . C   A 1 8  ? 7.457   -7.325  7.190   1.00 13.95 ? 8   C   A "C2'" 1 
ATOM   203 O  "O2'" . C   A 1 8  ? 7.020   -8.417  7.979   1.00 15.12 ? 8   C   A "O2'" 1 
ATOM   204 C  "C1'" . C   A 1 8  ? 6.374   -6.250  7.125   1.00 14.71 ? 8   C   A "C1'" 1 
ATOM   205 N  N1    . C   A 1 8  ? 6.465   -5.378  5.937   1.00 14.32 ? 8   C   A N1    1 
ATOM   206 C  C2    . C   A 1 8  ? 6.079   -5.932  4.704   1.00 13.07 ? 8   C   A C2    1 
ATOM   207 O  O2    . C   A 1 8  ? 5.628   -7.082  4.686   1.00 15.25 ? 8   C   A O2    1 
ATOM   208 N  N3    . C   A 1 8  ? 6.169   -5.190  3.591   1.00 12.00 ? 8   C   A N3    1 
ATOM   209 C  C4    . C   A 1 8  ? 6.665   -3.957  3.654   1.00 12.53 ? 8   C   A C4    1 
ATOM   210 N  N4    . C   A 1 8  ? 6.746   -3.262  2.523   1.00 14.08 ? 8   C   A N4    1 
ATOM   211 C  C5    . C   A 1 8  ? 7.097   -3.374  4.889   1.00 14.26 ? 8   C   A C5    1 
ATOM   212 C  C6    . C   A 1 8  ? 7.027   -4.133  5.982   1.00 13.88 ? 8   C   A C6    1 
ATOM   213 P  P     . G   A 1 9  ? 10.902  -7.612  7.705   1.00 17.04 ? 9   G   A P     1 
ATOM   214 O  OP1   . G   A 1 9  ? 11.708  -8.557  8.570   1.00 19.42 ? 9   G   A OP1   1 
ATOM   215 O  OP2   . G   A 1 9  ? 11.496  -6.357  7.212   1.00 19.92 ? 9   G   A OP2   1 
ATOM   216 O  "O5'" . G   A 1 9  ? 10.505  -8.465  6.454   1.00 17.54 ? 9   G   A "O5'" 1 
ATOM   217 C  "C5'" . G   A 1 9  ? 9.991   -9.794  6.611   1.00 17.56 ? 9   G   A "C5'" 1 
ATOM   218 C  "C4'" . G   A 1 9  ? 9.512   -10.333 5.304   1.00 18.46 ? 9   G   A "C4'" 1 
ATOM   219 O  "O4'" . G   A 1 9  ? 8.416   -9.519  4.809   1.00 14.68 ? 9   G   A "O4'" 1 
ATOM   220 C  "C3'" . G   A 1 9  ? 10.498  -10.281 4.138   1.00 16.42 ? 9   G   A "C3'" 1 
ATOM   221 O  "O3'" . G   A 1 9  ? 11.476  -11.295 4.243   1.00 18.40 ? 9   G   A "O3'" 1 
ATOM   222 C  "C2'" . G   A 1 9  ? 9.565   -10.479 2.973   1.00 17.25 ? 9   G   A "C2'" 1 
ATOM   223 O  "O2'" . G   A 1 9  ? 9.072   -11.808 2.895   1.00 17.74 ? 9   G   A "O2'" 1 
ATOM   224 C  "C1'" . G   A 1 9  ? 8.438   -9.536  3.386   1.00 15.05 ? 9   G   A "C1'" 1 
ATOM   225 N  N9    . G   A 1 9  ? 8.654   -8.176  2.893   1.00 11.58 ? 9   G   A N9    1 
ATOM   226 C  C8    . G   A 1 9  ? 9.059   -7.038  3.545   1.00 11.53 ? 9   G   A C8    1 
ATOM   227 N  N7    . G   A 1 9  ? 9.145   -6.001  2.753   1.00 11.76 ? 9   G   A N7    1 
ATOM   228 C  C5    . G   A 1 9  ? 8.747   -6.490  1.515   1.00 11.13 ? 9   G   A C5    1 
ATOM   229 C  C6    . G   A 1 9  ? 8.620   -5.832  0.259   1.00 10.37 ? 9   G   A C6    1 
ATOM   230 O  O6    . G   A 1 9  ? 8.838   -4.649  -0.008  1.00 11.96 ? 9   G   A O6    1 
ATOM   231 N  N1    . G   A 1 9  ? 8.269   -6.722  -0.751  1.00 11.04 ? 9   G   A N1    1 
ATOM   232 C  C2    . G   A 1 9  ? 8.011   -8.056  -0.573  1.00 10.93 ? 9   G   A C2    1 
ATOM   233 N  N2    . G   A 1 9  ? 7.689   -8.716  -1.698  1.00 13.08 ? 9   G   A N2    1 
ATOM   234 N  N3    . G   A 1 9  ? 8.117   -8.680  0.593   1.00 12.15 ? 9   G   A N3    1 
ATOM   235 C  C4    . G   A 1 9  ? 8.484   -7.838  1.583   1.00 11.56 ? 9   G   A C4    1 
ATOM   236 P  P     . G   A 1 10 ? 12.916  -10.996 3.610   1.00 20.10 ? 10  G   A P     1 
ATOM   237 O  OP1   . G   A 1 10 ? 13.710  -12.272 3.943   1.00 24.60 ? 10  G   A OP1   1 
ATOM   238 O  OP2   . G   A 1 10 ? 13.452  -9.798  4.016   1.00 19.89 ? 10  G   A OP2   1 
ATOM   239 O  "O5'" . G   A 1 10 ? 12.668  -10.904 2.030   1.00 16.75 ? 10  G   A "O5'" 1 
ATOM   240 C  "C5'" . G   A 1 10 ? 12.140  -12.086 1.431   1.00 17.73 ? 10  G   A "C5'" 1 
ATOM   241 C  "C4'" . G   A 1 10 ? 12.096  -11.904 -0.058  1.00 15.14 ? 10  G   A "C4'" 1 
ATOM   242 O  "O4'" . G   A 1 10 ? 11.079  -10.924 -0.364  1.00 15.96 ? 10  G   A "O4'" 1 
ATOM   243 C  "C3'" . G   A 1 10 ? 13.338  -11.326 -0.704  1.00 13.72 ? 10  G   A "C3'" 1 
ATOM   244 O  "O3'" . G   A 1 10 ? 14.291  -12.354 -0.989  1.00 14.42 ? 10  G   A "O3'" 1 
ATOM   245 C  "C2'" . G   A 1 10 ? 12.781  -10.812 -2.007  1.00 14.80 ? 10  G   A "C2'" 1 
ATOM   246 O  "O2'" . G   A 1 10 ? 12.528  -11.843 -2.942  1.00 17.27 ? 10  G   A "O2'" 1 
ATOM   247 C  "C1'" . G   A 1 10 ? 11.425  -10.254 -1.559  1.00 14.15 ? 10  G   A "C1'" 1 
ATOM   248 N  N9    . G   A 1 10 ? 11.467  -8.811  -1.302  1.00 12.79 ? 10  G   A N9    1 
ATOM   249 C  C8    . G   A 1 10 ? 11.660  -8.139  -0.120  1.00 12.41 ? 10  G   A C8    1 
ATOM   250 N  N7    . G   A 1 10 ? 11.696  -6.838  -0.272  1.00 12.10 ? 10  G   A N7    1 
ATOM   251 C  C5    . G   A 1 10 ? 11.523  -6.649  -1.639  1.00 11.90 ? 10  G   A C5    1 
ATOM   252 C  C6    . G   A 1 10 ? 11.460  -5.457  -2.412  1.00 11.56 ? 10  G   A C6    1 
ATOM   253 O  O6    . G   A 1 10 ? 11.496  -4.279  -2.021  1.00 11.48 ? 10  G   A O6    1 
ATOM   254 N  N1    . G   A 1 10 ? 11.276  -5.730  -3.764  1.00 11.44 ? 10  G   A N1    1 
ATOM   255 C  C2    . G   A 1 10 ? 11.145  -6.980  -4.300  1.00 11.80 ? 10  G   A C2    1 
ATOM   256 N  N2    . G   A 1 10 ? 10.965  -7.041  -5.631  1.00 14.20 ? 10  G   A N2    1 
ATOM   257 N  N3    . G   A 1 10 ? 11.192  -8.091  -3.590  1.00 12.08 ? 10  G   A N3    1 
ATOM   258 C  C4    . G   A 1 10 ? 11.386  -7.856  -2.282  1.00 12.40 ? 10  G   A C4    1 
ATOM   259 O  "O5'" . C   B 1 1  ? 7.807   0.515   -9.166  1.00 17.68 ? 1   C   B "O5'" 1 
ATOM   260 C  "C5'" . C   B 1 1  ? 8.013   -0.066  -10.451 1.00 14.68 ? 1   C   B "C5'" 1 
ATOM   261 C  "C4'" . C   B 1 1  ? 8.386   -1.519  -10.335 1.00 14.74 ? 1   C   B "C4'" 1 
ATOM   262 O  "O4'" . C   B 1 1  ? 9.679   -1.635  -9.732  1.00 11.98 ? 1   C   B "O4'" 1 
ATOM   263 C  "C3'" . C   B 1 1  ? 7.513   -2.346  -9.408  1.00 13.05 ? 1   C   B "C3'" 1 
ATOM   264 O  "O3'" . C   B 1 1  ? 6.253   -2.644  -10.027 1.00 14.63 ? 1   C   B "O3'" 1 
ATOM   265 C  "C2'" . C   B 1 1  ? 8.411   -3.534  -9.183  1.00 12.64 ? 1   C   B "C2'" 1 
ATOM   266 O  "O2'" . C   B 1 1  ? 8.413   -4.372  -10.328 1.00 14.10 ? 1   C   B "O2'" 1 
ATOM   267 C  "C1'" . C   B 1 1  ? 9.770   -2.861  -9.013  1.00 12.07 ? 1   C   B "C1'" 1 
ATOM   268 N  N1    . C   B 1 1  ? 10.077  -2.576  -7.588  1.00 11.97 ? 1   C   B N1    1 
ATOM   269 C  C2    . C   B 1 1  ? 10.508  -3.622  -6.771  1.00 11.84 ? 1   C   B C2    1 
ATOM   270 O  O2    . C   B 1 1  ? 10.581  -4.766  -7.248  1.00 12.78 ? 1   C   B O2    1 
ATOM   271 N  N3    . C   B 1 1  ? 10.788  -3.381  -5.468  1.00 11.37 ? 1   C   B N3    1 
ATOM   272 C  C4    . C   B 1 1  ? 10.680  -2.139  -4.983  1.00 11.58 ? 1   C   B C4    1 
ATOM   273 N  N4    . C   B 1 1  ? 10.991  -1.956  -3.684  1.00 12.26 ? 1   C   B N4    1 
ATOM   274 C  C5    . C   B 1 1  ? 10.186  -1.063  -5.777  1.00 10.94 ? 1   C   B C5    1 
ATOM   275 C  C6    . C   B 1 1  ? 9.919   -1.320  -7.069  1.00 12.16 ? 1   C   B C6    1 
ATOM   276 P  P     . C   B 1 2  ? 4.984   -2.831  -9.108  1.00 16.09 ? 2   C   B P     1 
ATOM   277 O  OP1   . C   B 1 2  ? 3.809   -2.831  -9.985  1.00 18.80 ? 2   C   B OP1   1 
ATOM   278 O  OP2   . C   B 1 2  ? 5.022   -1.895  -7.953  1.00 16.93 ? 2   C   B OP2   1 
ATOM   279 O  "O5'" . C   B 1 2  ? 5.218   -4.292  -8.488  1.00 13.79 ? 2   C   B "O5'" 1 
ATOM   280 C  "C5'" . C   B 1 2  ? 5.294   -5.443  -9.370  1.00 14.64 ? 2   C   B "C5'" 1 
ATOM   281 C  "C4'" . C   B 1 2  ? 5.716   -6.624  -8.556  1.00 13.93 ? 2   C   B "C4'" 1 
ATOM   282 O  "O4'" . C   B 1 2  ? 7.008   -6.375  -7.958  1.00 12.39 ? 2   C   B "O4'" 1 
ATOM   283 C  "C3'" . C   B 1 2  ? 4.849   -6.976  -7.357  1.00 13.10 ? 2   C   B "C3'" 1 
ATOM   284 O  "O3'" . C   B 1 2  ? 3.798   -7.755  -7.899  1.00 14.73 ? 2   C   B "O3'" 1 
ATOM   285 C  "C2'" . C   B 1 2  ? 5.797   -7.788  -6.507  1.00 13.22 ? 2   C   B "C2'" 1 
ATOM   286 O  "O2'" . C   B 1 2  ? 5.981   -9.089  -7.041  1.00 13.79 ? 2   C   B "O2'" 1 
ATOM   287 C  "C1'" . C   B 1 2  ? 7.091   -6.996  -6.691  1.00 12.40 ? 2   C   B "C1'" 1 
ATOM   288 N  N1    . C   B 1 2  ? 7.307   -5.982  -5.640  1.00 10.87 ? 2   C   B N1    1 
ATOM   289 C  C2    . C   B 1 2  ? 7.760   -6.458  -4.410  1.00 12.20 ? 2   C   B C2    1 
ATOM   290 O  O2    . C   B 1 2  ? 7.869   -7.684  -4.262  1.00 13.33 ? 2   C   B O2    1 
ATOM   291 N  N3    . C   B 1 2  ? 7.994   -5.596  -3.408  1.00 11.45 ? 2   C   B N3    1 
ATOM   292 C  C4    . C   B 1 2  ? 7.816   -4.286  -3.605  1.00 10.01 ? 2   C   B C4    1 
ATOM   293 N  N4    . C   B 1 2  ? 8.080   -3.460  -2.587  1.00 11.07 ? 2   C   B N4    1 
ATOM   294 C  C5    . C   B 1 2  ? 7.301   -3.771  -4.828  1.00 11.25 ? 2   C   B C5    1 
ATOM   295 C  C6    . C   B 1 2  ? 7.071   -4.647  -5.817  1.00 11.31 ? 2   C   B C6    1 
ATOM   296 P  P     . G   B 1 3  ? 2.390   -7.788  -7.205  1.00 17.94 ? 3   G   B P     1 
ATOM   297 O  OP1   . G   B 1 3  ? 1.550   -8.600  -8.108  1.00 20.49 ? 3   G   B OP1   1 
ATOM   298 O  OP2   . G   B 1 3  ? 1.969   -6.435  -6.914  1.00 19.95 ? 3   G   B OP2   1 
ATOM   299 O  "O5'" . G   B 1 3  ? 2.616   -8.590  -5.863  1.00 15.29 ? 3   G   B "O5'" 1 
ATOM   300 C  "C5'" . G   B 1 3  ? 3.025   -9.989  -5.936  1.00 13.80 ? 3   G   B "C5'" 1 
ATOM   301 C  "C4'" . G   B 1 3  ? 3.139   -10.538 -4.545  1.00 15.68 ? 3   G   B "C4'" 1 
ATOM   302 O  "O4'" . G   B 1 3  ? 4.094   -9.710  -3.829  1.00 14.97 ? 3   G   B "O4'" 1 
ATOM   303 C  "C3'" . G   B 1 3  ? 1.840   -10.489 -3.719  1.00 14.14 ? 3   G   B "C3'" 1 
ATOM   304 O  "O3'" . G   B 1 3  ? 1.860   -11.612 -2.850  1.00 18.52 ? 3   G   B "O3'" 1 
ATOM   305 C  "C2'" . G   B 1 3  ? 2.019   -9.217  -2.913  1.00 13.90 ? 3   G   B "C2'" 1 
ATOM   306 O  "O2'" . G   B 1 3  ? 1.310   -9.095  -1.685  1.00 15.85 ? 3   G   B "O2'" 1 
ATOM   307 C  "C1'" . G   B 1 3  ? 3.516   -9.261  -2.626  1.00 13.89 ? 3   G   B "C1'" 1 
ATOM   308 N  N9    . G   B 1 3  ? 4.060   -7.947  -2.321  1.00 13.94 ? 3   G   B N9    1 
ATOM   309 C  C8    . G   B 1 3  ? 4.050   -6.824  -3.105  1.00 12.33 ? 3   G   B C8    1 
ATOM   310 N  N7    . G   B 1 3  ? 4.507   -5.769  -2.487  1.00 12.04 ? 3   G   B N7    1 
ATOM   311 C  C5    . G   B 1 3  ? 4.781   -6.218  -1.202  1.00 11.73 ? 3   G   B C5    1 
ATOM   312 C  C6    . G   B 1 3  ? 5.221   -5.500  -0.051  1.00 12.01 ? 3   G   B C6    1 
ATOM   313 O  O6    . G   B 1 3  ? 5.438   -4.281  0.055   1.00 12.29 ? 3   G   B O6    1 
ATOM   314 N  N1    . G   B 1 3  ? 5.339   -6.327  1.059   1.00 12.03 ? 3   G   B N1    1 
ATOM   315 C  C2    . G   B 1 3  ? 5.017   -7.662  1.076   1.00 11.97 ? 3   G   B C2    1 
ATOM   316 N  N2    . G   B 1 3  ? 5.103   -8.297  2.240   1.00 12.98 ? 3   G   B N2    1 
ATOM   317 N  N3    . G   B 1 3  ? 4.581   -8.330  0.017   1.00 13.12 ? 3   G   B N3    1 
ATOM   318 C  C4    . G   B 1 3  ? 4.469   -7.547  -1.070  1.00 11.81 ? 3   G   B C4    1 
ATOM   319 P  P     . G   B 1 4  ? -0.183  -8.606  -1.635  1.00 14.89 ? 4   G   B P     1 
ATOM   320 O  OP1   . G   B 1 4  ? -1.006  -9.591  -2.349  1.00 18.93 ? 4   G   B OP1   1 
ATOM   321 O  OP2   . G   B 1 4  ? -0.269  -7.226  -2.003  1.00 15.80 ? 4   G   B OP2   1 
ATOM   322 O  "O5'" . G   B 1 4  ? -0.484  -8.705  -0.069  1.00 15.43 ? 4   G   B "O5'" 1 
ATOM   323 C  "C5'" . G   B 1 4  ? -0.344  -9.996  0.537   1.00 17.07 ? 4   G   B "C5'" 1 
ATOM   324 C  "C4'" . G   B 1 4  ? 0.259   -9.818  1.914   1.00 14.64 ? 4   G   B "C4'" 1 
ATOM   325 O  "O4'" . G   B 1 4  ? 1.594   -9.219  1.837   1.00 14.50 ? 4   G   B "O4'" 1 
ATOM   326 C  "C3'" . G   B 1 4  ? -0.516  -8.896  2.845   1.00 13.47 ? 4   G   B "C3'" 1 
ATOM   327 O  "O3'" . G   B 1 4  ? -1.519  -9.662  3.508   1.00 15.82 ? 4   G   B "O3'" 1 
ATOM   328 C  "C2'" . G   B 1 4  ? 0.560   -8.470  3.834   1.00 14.19 ? 4   G   B "C2'" 1 
ATOM   329 O  "O2'" . G   B 1 4  ? 0.902   -9.476  4.791   1.00 15.42 ? 4   G   B "O2'" 1 
ATOM   330 C  "C1'" . G   B 1 4  ? 1.756   -8.303  2.906   1.00 13.76 ? 4   G   B "C1'" 1 
ATOM   331 N  N9    . G   B 1 4  ? 1.954   -6.980  2.335   1.00 11.40 ? 4   G   B N9    1 
ATOM   332 C  C8    . G   B 1 4  ? 1.958   -6.623  1.011   1.00 11.28 ? 4   G   B C8    1 
ATOM   333 N  N7    . G   B 1 4  ? 2.295   -5.377  0.820   1.00 11.53 ? 4   G   B N7    1 
ATOM   334 C  C5    . G   B 1 4  ? 2.604   -4.907  2.092   1.00 10.38 ? 4   G   B C5    1 
ATOM   335 C  C6    . G   B 1 4  ? 3.132   -3.655  2.516   1.00 9.94  ? 4   G   B C6    1 
ATOM   336 O  O6    . G   B 1 4  ? 3.442   -2.673  1.837   1.00 10.89 ? 4   G   B O6    1 
ATOM   337 N  N1    . G   B 1 4  ? 3.273   -3.607  3.896   1.00 10.27 ? 4   G   B N1    1 
ATOM   338 C  C2    . G   B 1 4  ? 3.051   -4.660  4.746   1.00 10.86 ? 4   G   B C2    1 
ATOM   339 N  N2    . G   B 1 4  ? 3.265   -4.416  6.032   1.00 12.31 ? 4   G   B N2    1 
ATOM   340 N  N3    . G   B 1 4  ? 2.581   -5.828  4.366   1.00 11.39 ? 4   G   B N3    1 
ATOM   341 C  C4    . G   B 1 4  ? 2.387   -5.883  3.036   1.00 10.52 ? 4   G   B C4    1 
ATOM   342 P  P     . C   B 1 5  ? -2.859  -9.084  4.024   1.00 15.55 ? 5   C   B P     1 
ATOM   343 O  OP1   . C   B 1 5  ? -3.608  -10.326 4.546   1.00 19.00 ? 5   C   B OP1   1 
ATOM   344 O  OP2   . C   B 1 5  ? -3.386  -8.297  3.129   1.00 15.38 ? 5   C   B OP2   1 
ATOM   345 O  "O5'" . C   B 1 5  ? -2.487  -8.123  5.241   1.00 13.95 ? 5   C   B "O5'" 1 
ATOM   346 C  "C5'" . C   B 1 5  ? -1.861  -8.681  6.406   1.00 13.04 ? 5   C   B "C5'" 1 
ATOM   347 C  "C4'" . C   B 1 5  ? -1.564  -7.565  7.359   1.00 12.50 ? 5   C   B "C4'" 1 
ATOM   348 O  "O4'" . C   B 1 5  ? -0.675  -6.613  6.704   1.00 11.67 ? 5   C   B "O4'" 1 
ATOM   349 C  "C3'" . C   B 1 5  ? -2.758  -6.773  7.859   1.00 11.87 ? 5   C   B "C3'" 1 
ATOM   350 O  "O3'" . C   B 1 5  ? -2.638  -6.510  9.273   1.00 12.49 ? 5   C   B "O3'" 1 
ATOM   351 C  "C2'" . C   B 1 5  ? -2.690  -5.497  7.029   1.00 10.90 ? 5   C   B "C2'" 1 
ATOM   352 O  "O2'" . C   B 1 5  ? -3.164  -4.333  7.714   1.00 11.59 ? 5   C   B "O2'" 1 
ATOM   353 C  "C1'" . C   B 1 5  ? -1.183  -5.301  6.884   1.00 10.98 ? 5   C   B "C1'" 1 
ATOM   354 N  N1    . C   B 1 5  ? -0.805  -4.512  5.717   1.00 9.85  ? 5   C   B N1    1 
ATOM   355 C  C2    . C   B 1 5  ? -0.078  -3.324  5.906   1.00 11.08 ? 5   C   B C2    1 
ATOM   356 O  O2    . C   B 1 5  ? 0.196   -2.953  7.066   1.00 11.00 ? 5   C   B O2    1 
ATOM   357 N  N3    . C   B 1 5  ? 0.275   -2.590  4.830   1.00 9.55  ? 5   C   B N3    1 
ATOM   358 C  C4    . C   B 1 5  ? -0.053  -3.005  3.604   1.00 9.60  ? 5   C   B C4    1 
ATOM   359 N  N4    . C   B 1 5  ? 0.270   -2.216  2.574   1.00 10.29 ? 5   C   B N4    1 
ATOM   360 C  C5    . C   B 1 5  ? -0.788  -4.212  3.382   1.00 9.70  ? 5   C   B C5    1 
ATOM   361 C  C6    . C   B 1 5  ? -1.131  -4.934  4.453   1.00 10.26 ? 5   C   B C6    1 
ATOM   362 P  P     . G   B 1 6  ? -4.732  -4.182  8.066   1.00 12.19 ? 6   G   B P     1 
ATOM   363 O  OP1   . G   B 1 6  ? -5.093  -5.225  9.073   1.00 12.36 ? 6   G   B OP1   1 
ATOM   364 O  OP2   . G   B 1 6  ? -5.541  -4.036  6.847   1.00 13.85 ? 6   G   B OP2   1 
ATOM   365 O  "O5'" . G   B 1 6  ? -4.723  -2.752  8.746   1.00 11.79 ? 6   G   B "O5'" 1 
ATOM   366 C  "C5'" . G   B 1 6  ? -4.274  -2.632  10.126  1.00 13.82 ? 6   G   B "C5'" 1 
ATOM   367 C  "C4'" . G   B 1 6  ? -3.851  -1.190  10.386  1.00 13.27 ? 6   G   B "C4'" 1 
ATOM   368 O  "O4'" . G   B 1 6  ? -2.648  -0.946  9.630   1.00 13.46 ? 6   G   B "O4'" 1 
ATOM   369 C  "C3'" . G   B 1 6  ? -4.801  -0.148  9.820   1.00 13.33 ? 6   G   B "C3'" 1 
ATOM   370 O  "O3'" . G   B 1 6  ? -5.720  0.161   10.851  1.00 16.08 ? 6   G   B "O3'" 1 
ATOM   371 C  "C2'" . G   B 1 6  ? -3.903  1.055   9.599   1.00 14.82 ? 6   G   B "C2'" 1 
ATOM   372 O  "O2'" . G   B 1 6  ? -3.659  1.705   10.841  1.00 18.23 ? 6   G   B "O2'" 1 
ATOM   373 C  "C1'" . G   B 1 6  ? -2.649  0.377   9.086   1.00 13.05 ? 6   G   B "C1'" 1 
ATOM   374 N  N9    . G   B 1 6  ? -2.522  0.276   7.633   1.00 11.74 ? 6   G   B N9    1 
ATOM   375 C  C8    . G   B 1 6  ? -2.703  -0.838  6.837   1.00 10.43 ? 6   G   B C8    1 
ATOM   376 N  N7    . G   B 1 6  ? -2.373  -0.628  5.585   1.00 10.84 ? 6   G   B N7    1 
ATOM   377 C  C5    . G   B 1 6  ? -1.900  0.682   5.571   1.00 10.25 ? 6   G   B C5    1 
ATOM   378 C  C6    . G   B 1 6  ? -1.306  1.441   4.523   1.00 9.99  ? 6   G   B C6    1 
ATOM   379 O  O6    . G   B 1 6  ? -1.123  1.099   3.350   1.00 11.16 ? 6   G   B O6    1 
ATOM   380 N  N1    . G   B 1 6  ? -0.933  2.718   4.953   1.00 10.23 ? 6   G   B N1    1 
ATOM   381 C  C2    . G   B 1 6  ? -1.078  3.190   6.221   1.00 10.56 ? 6   G   B C2    1 
ATOM   382 N  N2    . G   B 1 6  ? -0.604  4.426   6.455   1.00 12.42 ? 6   G   B N2    1 
ATOM   383 N  N3    . G   B 1 6  ? -1.595  2.482   7.220   1.00 11.33 ? 6   G   B N3    1 
ATOM   384 C  C4    . G   B 1 6  ? -1.960  1.237   6.825   1.00 10.72 ? 6   G   B C4    1 
ATOM   385 P  P     . C   B 1 7  ? -7.211  0.138   10.496  1.00 17.59 ? 7   C   B P     1 
ATOM   386 O  OP1   . C   B 1 7  ? -7.912  0.393   11.837  1.00 22.18 ? 7   C   B OP1   1 
ATOM   387 O  OP2   . C   B 1 7  ? -7.615  -0.967  9.635   1.00 18.84 ? 7   C   B OP2   1 
ATOM   388 O  "O5'" . C   B 1 7  ? -7.526  1.408   9.595   1.00 16.95 ? 7   C   B "O5'" 1 
ATOM   389 C  "C5'" . C   B 1 7  ? -7.451  2.723   10.180  1.00 16.71 ? 7   C   B "C5'" 1 
ATOM   390 C  "C4'" . C   B 1 7  ? -7.427  3.727   9.050   1.00 14.69 ? 7   C   B "C4'" 1 
ATOM   391 O  "O4'" . C   B 1 7  ? -6.169  3.565   8.342   1.00 12.55 ? 7   C   B "O4'" 1 
ATOM   392 C  "C3'" . C   B 1 7  ? -8.423  3.482   7.924   1.00 14.57 ? 7   C   B "C3'" 1 
ATOM   393 O  "O3'" . C   B 1 7  ? -9.709  3.999   8.265   1.00 17.35 ? 7   C   B "O3'" 1 
ATOM   394 C  "C2'" . C   B 1 7  ? -7.798  4.247   6.762   1.00 13.03 ? 7   C   B "C2'" 1 
ATOM   395 O  "O2'" . C   B 1 7  ? -8.155  5.630   6.822   1.00 13.25 ? 7   C   B "O2'" 1 
ATOM   396 C  "C1'" . C   B 1 7  ? -6.299  4.123   7.055   1.00 12.19 ? 7   C   B "C1'" 1 
ATOM   397 N  N1    . C   B 1 7  ? -5.675  3.216   6.088   1.00 11.67 ? 7   C   B N1    1 
ATOM   398 C  C2    . C   B 1 7  ? -4.784  3.726   5.133   1.00 11.54 ? 7   C   B C2    1 
ATOM   399 O  O2    . C   B 1 7  ? -4.457  4.917   5.202   1.00 12.46 ? 7   C   B O2    1 
ATOM   400 N  N3    . C   B 1 7  ? -4.341  2.919   4.155   1.00 10.74 ? 7   C   B N3    1 
ATOM   401 C  C4    . C   B 1 7  ? -4.707  1.628   4.134   1.00 11.84 ? 7   C   B C4    1 
ATOM   402 N  N4    . C   B 1 7  ? -4.280  0.867   3.118   1.00 12.08 ? 7   C   B N4    1 
ATOM   403 C  C5    . C   B 1 7  ? -5.533  1.064   5.146   1.00 11.52 ? 7   C   B C5    1 
ATOM   404 C  C6    . C   B 1 7  ? -6.053  1.898   6.048   1.00 13.22 ? 7   C   B C6    1 
ATOM   405 P  P     A C   B 1 8  ? -9.115  6.463   5.786   0.50 12.88 ? 8   C   B P     1 
ATOM   406 P  P     B C   B 1 8  ? -9.594  6.027   6.277   0.50 14.05 ? 8   C   B P     1 
ATOM   407 O  OP1   A C   B 1 8  ? -9.915  7.414   6.587   0.50 14.28 ? 8   C   B OP1   1 
ATOM   408 O  OP1   B C   B 1 8  ? -10.265 6.839   7.335   0.50 15.90 ? 8   C   B OP1   1 
ATOM   409 O  OP2   A C   B 1 8  ? -9.726  5.493   4.894   0.50 14.27 ? 8   C   B OP2   1 
ATOM   410 O  OP2   B C   B 1 8  ? -10.296 4.962   5.572   0.50 12.48 ? 8   C   B OP2   1 
ATOM   411 O  "O5'" A C   B 1 8  ? -8.231  7.237   4.723   0.50 10.78 ? 8   C   B "O5'" 1 
ATOM   412 O  "O5'" B C   B 1 8  ? -9.070  7.008   5.143   0.50 13.09 ? 8   C   B "O5'" 1 
ATOM   413 C  "C5'" A C   B 1 8  ? -7.751  8.572   5.047   0.50 9.74  ? 8   C   B "C5'" 1 
ATOM   414 C  "C5'" B C   B 1 8  ? -8.526  8.297   5.501   0.50 12.57 ? 8   C   B "C5'" 1 
ATOM   415 C  "C4'" A C   B 1 8  ? -7.038  9.160   3.862   0.50 10.78 ? 8   C   B "C4'" 1 
ATOM   416 C  "C4'" B C   B 1 8  ? -7.669  8.799   4.373   0.50 11.49 ? 8   C   B "C4'" 1 
ATOM   417 O  "O4'" A C   B 1 8  ? -5.818  8.443   3.566   0.50 10.41 ? 8   C   B "O4'" 1 
ATOM   418 O  "O4'" B C   B 1 8  ? -6.487  7.967   4.193   0.50 13.10 ? 8   C   B "O4'" 1 
ATOM   419 C  "C3'" A C   B 1 8  ? -7.807  9.124   2.541   0.50 10.21 ? 8   C   B "C3'" 1 
ATOM   420 C  "C3'" B C   B 1 8  ? -8.308  8.741   2.995   0.50 11.49 ? 8   C   B "C3'" 1 
ATOM   421 O  "O3'" A C   B 1 8  ? -8.869  10.111  2.434   0.50 11.80 ? 8   C   B "O3'" 1 
ATOM   422 O  "O3'" B C   B 1 8  ? -9.188  9.831   2.892   0.50 11.65 ? 8   C   B "O3'" 1 
ATOM   423 C  "C2'" A C   B 1 8  ? -6.671  9.328   1.546   0.50 10.73 ? 8   C   B "C2'" 1 
ATOM   424 C  "C2'" B C   B 1 8  ? -7.099  8.870   2.100   0.50 12.53 ? 8   C   B "C2'" 1 
ATOM   425 O  "O2'" A C   B 1 8  ? -6.085  10.613  1.605   0.50 11.72 ? 8   C   B "O2'" 1 
ATOM   426 O  "O2'" B C   B 1 8  ? -6.572  10.181  2.090   0.50 12.52 ? 8   C   B "O2'" 1 
ATOM   427 C  "C1'" A C   B 1 8  ? -5.640  8.391   2.157   0.50 10.08 ? 8   C   B "C1'" 1 
ATOM   428 C  "C1'" B C   B 1 8  ? -6.151  7.922   2.812   0.50 11.66 ? 8   C   B "C1'" 1 
ATOM   429 N  N1    A C   B 1 8  ? -5.842  6.992   1.723   0.50 9.48  ? 8   C   B N1    1 
ATOM   430 N  N1    B C   B 1 8  ? -6.333  6.539   2.321   0.50 11.72 ? 8   C   B N1    1 
ATOM   431 C  C2    A C   B 1 8  ? -5.464  6.634   0.430   0.50 9.08  ? 8   C   B C2    1 
ATOM   432 C  C2    B C   B 1 8  ? -5.771  6.180   1.099   0.50 11.69 ? 8   C   B C2    1 
ATOM   433 O  O2    A C   B 1 8  ? -5.017  7.507   -0.332  0.50 9.16  ? 8   C   B O2    1 
ATOM   434 O  O2    B C   B 1 8  ? -5.239  7.057   0.419   0.50 13.89 ? 8   C   B O2    1 
ATOM   435 N  N3    A C   B 1 8  ? -5.563  5.342   0.043   0.50 8.69  ? 8   C   B N3    1 
ATOM   436 N  N3    B C   B 1 8  ? -5.915  4.906   0.650   0.50 11.34 ? 8   C   B N3    1 
ATOM   437 C  C4    A C   B 1 8  ? -6.043  4.427   0.890   0.50 8.77  ? 8   C   B C4    1 
ATOM   438 C  C4    B C   B 1 8  ? -6.534  4.000   1.411   0.50 10.74 ? 8   C   B C4    1 
ATOM   439 N  N4    A C   B 1 8  ? -6.122  3.157   0.467   0.50 9.15  ? 8   C   B N4    1 
ATOM   440 N  N4    B C   B 1 8  ? -6.613  2.744   0.955   0.50 12.28 ? 8   C   B N4    1 
ATOM   441 C  C5    A C   B 1 8  ? -6.449  4.768   2.211   0.50 9.12  ? 8   C   B C5    1 
ATOM   442 C  C5    B C   B 1 8  ? -7.073  4.331   2.689   0.50 11.58 ? 8   C   B C5    1 
ATOM   443 C  C6    A C   B 1 8  ? -6.306  6.043   2.591   0.50 10.39 ? 8   C   B C6    1 
ATOM   444 C  C6    B C   B 1 8  ? -6.955  5.602   3.098   0.50 11.61 ? 8   C   B C6    1 
ATOM   445 P  P     . G   B 1 9  ? -10.388 9.709   1.929   1.00 14.17 ? 9   G   B P     1 
ATOM   446 O  OP1   . G   B 1 9  ? -11.227 10.935  2.182   1.00 15.14 ? 9   G   B OP1   1 
ATOM   447 O  OP2   . G   B 1 9  ? -10.948 8.412   2.268   1.00 15.92 ? 9   G   B OP2   1 
ATOM   448 O  "O5'" . G   B 1 9  ? -10.019 9.578   0.386   1.00 14.04 ? 9   G   B "O5'" 1 
ATOM   449 C  "C5'" . G   B 1 9  ? -9.573  10.774  -0.280  1.00 15.07 ? 9   G   B "C5'" 1 
ATOM   450 C  "C4'" . G   B 1 9  ? -9.023  10.422  -1.623  1.00 14.79 ? 9   G   B "C4'" 1 
ATOM   451 O  "O4'" . G   B 1 9  ? -7.917  9.505   -1.478  1.00 14.37 ? 9   G   B "O4'" 1 
ATOM   452 C  "C3'" . G   B 1 9  ? -9.931  9.621   -2.525  1.00 14.60 ? 9   G   B "C3'" 1 
ATOM   453 O  "O3'" . G   B 1 9  ? -10.920 10.420  -3.138  1.00 15.19 ? 9   G   B "O3'" 1 
ATOM   454 C  "C2'" . G   B 1 9  ? -8.928  9.101   -3.546  1.00 13.95 ? 9   G   B "C2'" 1 
ATOM   455 O  "O2'" . G   B 1 9  ? -8.491  10.087  -4.431  1.00 16.58 ? 9   G   B "O2'" 1 
ATOM   456 C  "C1'" . G   B 1 9  ? -7.825  8.652   -2.603  1.00 13.90 ? 9   G   B "C1'" 1 
ATOM   457 N  N9    . G   B 1 9  ? -8.039  7.278   -2.165  1.00 12.93 ? 9   G   B N9    1 
ATOM   458 C  C8    . G   B 1 9  ? -8.568  6.856   -0.966  1.00 12.35 ? 9   G   B C8    1 
ATOM   459 N  N7    . G   B 1 9  ? -8.675  5.558   -0.881  1.00 12.65 ? 9   G   B N7    1 
ATOM   460 C  C5    . G   B 1 9  ? -8.228  5.093   -2.115  1.00 12.64 ? 9   G   B C5    1 
ATOM   461 C  C6    . G   B 1 9  ? -8.143  3.762   -2.644  1.00 12.46 ? 9   G   B C6    1 
ATOM   462 O  O6    . G   B 1 9  ? -8.400  2.701   -2.098  1.00 12.89 ? 9   G   B O6    1 
ATOM   463 N  N1    . G   B 1 9  ? -7.626  3.756   -3.934  1.00 12.98 ? 9   G   B N1    1 
ATOM   464 C  C2    . G   B 1 9  ? -7.276  4.869   -4.646  1.00 13.11 ? 9   G   B C2    1 
ATOM   465 N  N2    . G   B 1 9  ? -6.854  4.660   -5.921  1.00 14.53 ? 9   G   B N2    1 
ATOM   466 N  N3    . G   B 1 9  ? -7.358  6.105   -4.176  1.00 14.08 ? 9   G   B N3    1 
ATOM   467 C  C4    . G   B 1 9  ? -7.846  6.144   -2.920  1.00 12.68 ? 9   G   B C4    1 
ATOM   468 P  P     . G   B 1 10 ? -12.346 9.748   -3.435  1.00 15.36 ? 10  G   B P     1 
ATOM   469 O  OP1   . G   B 1 10 ? -13.202 10.860  -3.966  1.00 18.95 ? 10  G   B OP1   1 
ATOM   470 O  OP2   . G   B 1 10 ? -12.781 9.069   -2.239  1.00 15.32 ? 10  G   B OP2   1 
ATOM   471 O  "O5'" . G   B 1 10 ? -12.131 8.670   -4.592  1.00 13.82 ? 10  G   B "O5'" 1 
ATOM   472 C  "C5'" . G   B 1 10 ? -11.639 9.090   -5.903  1.00 13.93 ? 10  G   B "C5'" 1 
ATOM   473 C  "C4'" . G   B 1 10 ? -11.325 7.924   -6.798  1.00 14.93 ? 10  G   B "C4'" 1 
ATOM   474 O  "O4'" . G   B 1 10 ? -10.309 7.096   -6.170  1.00 14.68 ? 10  G   B "O4'" 1 
ATOM   475 C  "C3'" . G   B 1 10 ? -12.438 6.929   -7.072  1.00 12.87 ? 10  G   B "C3'" 1 
ATOM   476 O  "O3'" . G   B 1 10 ? -13.338 7.463   -8.046  1.00 14.22 ? 10  G   B "O3'" 1 
ATOM   477 C  "C2'" . G   B 1 10 ? -11.654 5.708   -7.521  1.00 13.35 ? 10  G   B "C2'" 1 
ATOM   478 O  "O2'" . G   B 1 10 ? -11.074 5.938   -8.783  1.00 15.03 ? 10  G   B "O2'" 1 
ATOM   479 C  "C1'" . G   B 1 10 ? -10.499 5.745   -6.544  1.00 15.00 ? 10  G   B "C1'" 1 
ATOM   480 N  N9    . G   B 1 10 ? -10.752 4.944   -5.354  1.00 14.16 ? 10  G   B N9    1 
ATOM   481 C  C8    . G   B 1 10 ? -11.248 5.360   -4.141  1.00 15.78 ? 10  G   B C8    1 
ATOM   482 N  N7    . G   B 1 10 ? -11.371 4.381   -3.289  1.00 14.65 ? 10  G   B N7    1 
ATOM   483 C  C5    . G   B 1 10 ? -11.025 3.249   -4.003  1.00 13.49 ? 10  G   B C5    1 
ATOM   484 C  C6    . G   B 1 10 ? -10.975 1.896   -3.611  1.00 16.82 ? 10  G   B C6    1 
ATOM   485 O  O6    . G   B 1 10 ? -11.245 1.410   -2.516  1.00 16.58 ? 10  G   B O6    1 
ATOM   486 N  N1    . G   B 1 10 ? -10.598 1.064   -4.659  1.00 15.72 ? 10  G   B N1    1 
ATOM   487 C  C2    . G   B 1 10 ? -10.281 1.486   -5.927  1.00 16.00 ? 10  G   B C2    1 
ATOM   488 N  N2    . G   B 1 10 ? -9.971  0.521   -6.818  1.00 16.41 ? 10  G   B N2    1 
ATOM   489 N  N3    . G   B 1 10 ? -10.300 2.753   -6.304  1.00 15.17 ? 10  G   B N3    1 
ATOM   490 C  C4    . G   B 1 10 ? -10.665 3.579   -5.292  1.00 13.94 ? 10  G   B C4    1 
HETATM 491 SR SR    . SR  C 2 .  ? -2.078  -1.344  -1.287  1.00 12.60 ? 101 SR  A SR    1 
HETATM 492 SR SR    . SR  D 2 .  ? 7.651   6.443   0.821   0.40 13.13 ? 102 SR  A SR    1 
HETATM 493 SR SR    . SR  E 2 .  ? 4.157   -2.027  -0.638  1.00 12.65 ? 101 SR  B SR    1 
HETATM 494 SR SR    . SR  F 2 .  ? -12.356 2.110   -0.028  0.80 14.98 ? 102 SR  B SR    1 
HETATM 495 SR SR    . SR  G 2 .  ? -13.888 1.535   -1.815  0.40 24.21 ? 103 SR  B SR    1 
HETATM 496 O  O     . HOH H 3 .  ? 2.393   -2.224  11.279  1.00 13.73 ? 201 HOH A O     1 
HETATM 497 O  O     . HOH H 3 .  ? -1.286  0.002   0.811   1.00 12.47 ? 202 HOH A O     1 
HETATM 498 O  O     . HOH H 3 .  ? -4.039  0.159   -0.707  1.00 16.22 ? 203 HOH A O     1 
HETATM 499 O  O     . HOH H 3 .  ? -3.409  -0.952  -3.415  1.00 14.66 ? 204 HOH A O     1 
HETATM 500 O  O     . HOH H 3 .  ? -10.526 -8.082  -5.678  0.50 9.50  ? 205 HOH A O     1 
HETATM 501 O  O     . HOH H 3 .  ? -2.307  10.178  -5.965  1.00 30.84 ? 206 HOH A O     1 
HETATM 502 O  O     . HOH H 3 .  ? 5.946   10.772  -0.436  1.00 23.48 ? 207 HOH A O     1 
HETATM 503 O  O     . HOH H 3 .  ? 6.867   1.440   1.154   1.00 18.96 ? 208 HOH A O     1 
HETATM 504 O  O     . HOH H 3 .  ? 3.253   0.042   0.666   1.00 13.44 ? 209 HOH A O     1 
HETATM 505 O  O     . HOH H 3 .  ? 5.066   -6.191  11.941  1.00 23.14 ? 210 HOH A O     1 
HETATM 506 O  O     . HOH H 3 .  ? 3.390   -3.743  11.361  1.00 10.94 ? 211 HOH A O     1 
HETATM 507 O  O     . HOH H 3 .  ? -3.139  7.460   -6.582  1.00 25.01 ? 212 HOH A O     1 
HETATM 508 O  O     . HOH H 3 .  ? 12.656  -5.450  2.027   1.00 15.52 ? 213 HOH A O     1 
HETATM 509 O  O     . HOH H 3 .  ? 10.425  -3.544  3.372   1.00 14.23 ? 214 HOH A O     1 
HETATM 510 O  O     . HOH H 3 .  ? 4.458   3.066   1.287   1.00 18.45 ? 215 HOH A O     1 
HETATM 511 O  O     . HOH H 3 .  ? -1.282  1.055   -2.170  1.00 14.78 ? 216 HOH A O     1 
HETATM 512 O  O     . HOH H 3 .  ? 8.751   -1.139  2.931   1.00 17.76 ? 217 HOH A O     1 
HETATM 513 O  O     . HOH H 3 .  ? 1.294   1.682   -1.148  1.00 17.22 ? 218 HOH A O     1 
HETATM 514 O  O     . HOH H 3 .  ? -6.333  -2.336  -1.787  1.00 21.94 ? 219 HOH A O     1 
HETATM 515 O  O     . HOH H 3 .  ? 3.260   11.932  -3.275  0.50 20.03 ? 220 HOH A O     1 
HETATM 516 O  O     . HOH H 3 .  ? 12.591  -6.947  4.451   1.00 23.02 ? 221 HOH A O     1 
HETATM 517 O  O     . HOH H 3 .  ? 10.426  0.797   2.022   1.00 14.05 ? 222 HOH A O     1 
HETATM 518 O  O     . HOH H 3 .  ? 2.484   3.944   -2.407  1.00 22.43 ? 223 HOH A O     1 
HETATM 519 O  O     . HOH H 3 .  ? 0.524   2.327   -4.516  1.00 20.56 ? 224 HOH A O     1 
HETATM 520 O  O     . HOH H 3 .  ? 3.967   4.373   -5.665  1.00 24.33 ? 225 HOH A O     1 
HETATM 521 O  O     . HOH H 3 .  ? 4.998   2.447   -6.317  1.00 17.07 ? 226 HOH A O     1 
HETATM 522 O  O     . HOH H 3 .  ? 3.789   2.920   -7.808  1.00 11.35 ? 227 HOH A O     1 
HETATM 523 O  O     . HOH H 3 .  ? -0.387  0.253   -5.055  1.00 25.93 ? 228 HOH A O     1 
HETATM 524 O  O     . HOH H 3 .  ? 1.093   2.850   9.434   1.00 26.38 ? 229 HOH A O     1 
HETATM 525 O  O     . HOH H 3 .  ? 10.076  2.278   6.126   1.00 18.62 ? 230 HOH A O     1 
HETATM 526 O  O     . HOH H 3 .  ? -4.389  9.383   -4.574  1.00 26.48 ? 231 HOH A O     1 
HETATM 527 O  O     . HOH H 3 .  ? -9.730  -2.483  0.504   1.00 25.75 ? 232 HOH A O     1 
HETATM 528 O  O     . HOH H 3 .  ? 8.033   7.639   9.733   1.00 26.67 ? 233 HOH A O     1 
HETATM 529 O  O     . HOH H 3 .  ? 5.021   5.538   11.659  1.00 19.95 ? 234 HOH A O     1 
HETATM 530 O  O     . HOH H 3 .  ? 5.380   -9.946  6.109   1.00 27.31 ? 235 HOH A O     1 
HETATM 531 O  O     . HOH H 3 .  ? 11.050  -3.919  6.057   1.00 18.64 ? 236 HOH A O     1 
HETATM 532 O  O     . HOH H 3 .  ? 7.490   3.677   4.500   1.00 29.44 ? 237 HOH A O     1 
HETATM 533 O  O     . HOH H 3 .  ? 11.613  -2.155  11.689  1.00 21.24 ? 238 HOH A O     1 
HETATM 534 O  O     . HOH H 3 .  ? 12.285  -0.571  13.250  1.00 20.12 ? 239 HOH A O     1 
HETATM 535 O  O     . HOH H 3 .  ? -2.808  -2.703  -5.545  1.00 17.63 ? 240 HOH A O     1 
HETATM 536 O  O     . HOH H 3 .  ? 16.435  -12.082 0.752   1.00 20.39 ? 241 HOH A O     1 
HETATM 537 O  O     . HOH H 3 .  ? 5.190   5.518   0.133   1.00 21.84 ? 242 HOH A O     1 
HETATM 538 O  O     . HOH H 3 .  ? 7.970   6.141   -1.288  1.00 23.91 ? 243 HOH A O     1 
HETATM 539 O  O     . HOH H 3 .  ? -2.721  -3.682  -2.292  1.00 16.00 ? 244 HOH A O     1 
HETATM 540 O  O     . HOH H 3 .  ? -1.918  9.216   1.251   1.00 23.27 ? 245 HOH A O     1 
HETATM 541 O  O     . HOH H 3 .  ? 0.503   11.795  -2.471  0.50 15.59 ? 246 HOH A O     1 
HETATM 542 O  O     . HOH H 3 .  ? 6.671   -11.454 -2.518  1.00 23.68 ? 247 HOH A O     1 
HETATM 543 O  O     . HOH H 3 .  ? 7.275   8.981   1.179   1.00 23.93 ? 248 HOH A O     1 
HETATM 544 O  O     . HOH H 3 .  ? -8.574  3.619   -8.538  1.00 24.42 ? 249 HOH A O     1 
HETATM 545 O  O     . HOH H 3 .  ? 7.577   -11.516 0.802   1.00 30.40 ? 250 HOH A O     1 
HETATM 546 O  O     . HOH H 3 .  ? 9.734   -12.893 -2.928  1.00 30.85 ? 251 HOH A O     1 
HETATM 547 O  O     . HOH H 3 .  ? -5.240  4.027   -9.572  1.00 35.99 ? 252 HOH A O     1 
HETATM 548 O  O     . HOH H 3 .  ? -5.183  -4.219  -3.399  1.00 25.25 ? 253 HOH A O     1 
HETATM 549 O  O     . HOH H 3 .  ? 11.976  -10.380 -5.138  1.00 27.06 ? 254 HOH A O     1 
HETATM 550 O  O     . HOH H 3 .  ? 13.874  -9.904  9.014   1.00 37.16 ? 255 HOH A O     1 
HETATM 551 O  O     . HOH H 3 .  ? 9.414   -0.498  5.529   1.00 23.28 ? 256 HOH A O     1 
HETATM 552 O  O     . HOH H 3 .  ? 9.850   2.296   3.203   1.00 26.24 ? 257 HOH A O     1 
HETATM 553 O  O     . HOH H 3 .  ? 2.494   0.302   10.277  1.00 31.17 ? 258 HOH A O     1 
HETATM 554 O  O     . HOH H 3 .  ? 10.056  -2.395  12.614  1.00 32.23 ? 259 HOH A O     1 
HETATM 555 O  O     . HOH H 3 .  ? 11.559  -0.074  11.170  1.00 30.28 ? 260 HOH A O     1 
HETATM 556 O  O     . HOH I 3 .  ? 9.979   0.862   -2.554  1.00 7.85  ? 201 HOH B O     1 
HETATM 557 O  O     . HOH I 3 .  ? 7.386   -0.565  -3.313  1.00 13.07 ? 202 HOH B O     1 
HETATM 558 O  O     . HOH I 3 .  ? 2.194   -3.657  -1.166  1.00 12.69 ? 203 HOH B O     1 
HETATM 559 O  O     . HOH I 3 .  ? -0.301  -2.961  -0.196  1.00 11.61 ? 204 HOH B O     1 
HETATM 560 O  O     . HOH I 3 .  ? -0.181  -1.725  -3.087  1.00 13.48 ? 205 HOH B O     1 
HETATM 561 O  O     . HOH I 3 .  ? -3.453  -1.977  3.428   1.00 14.61 ? 206 HOH B O     1 
HETATM 562 O  O     . HOH I 3 .  ? -11.495 12.797  -7.554  1.00 32.43 ? 207 HOH B O     1 
HETATM 563 O  O     . HOH I 3 .  ? 4.857   -11.097 3.222   1.00 23.69 ? 208 HOH B O     1 
HETATM 564 O  O     . HOH I 3 .  ? 9.877   -8.978  -8.559  1.00 22.02 ? 209 HOH B O     1 
HETATM 565 O  O     . HOH I 3 .  ? 10.285  -6.199  -9.524  1.00 16.24 ? 210 HOH B O     1 
HETATM 566 O  O     . HOH I 3 .  ? 3.116   -8.431  5.997   1.00 22.56 ? 211 HOH B O     1 
HETATM 567 O  O     . HOH I 3 .  ? -13.675 11.229  2.390   1.00 14.04 ? 212 HOH B O     1 
HETATM 568 O  O     . HOH I 3 .  ? 1.108   -4.996  -3.335  1.00 23.29 ? 213 HOH B O     1 
HETATM 569 O  O     . HOH I 3 .  ? 6.793   -1.792  0.055   1.00 19.73 ? 214 HOH B O     1 
HETATM 570 O  O     . HOH I 3 .  ? -1.490  -5.421  -0.304  1.00 14.75 ? 215 HOH B O     1 
HETATM 571 O  O     . HOH I 3 .  ? 4.726   -3.007  -2.953  1.00 14.28 ? 216 HOH B O     1 
HETATM 572 O  O     . HOH I 3 .  ? 2.152   -6.588  7.805   1.00 19.42 ? 217 HOH B O     1 
HETATM 573 O  O     . HOH I 3 .  ? 9.297   -0.896  -0.148  1.00 18.61 ? 218 HOH B O     1 
HETATM 574 O  O     . HOH I 3 .  ? 2.374   -0.792  -2.173  1.00 21.08 ? 219 HOH B O     1 
HETATM 575 O  O     . HOH I 3 .  ? -6.966  -1.440  6.964   1.00 19.61 ? 220 HOH B O     1 
HETATM 576 O  O     . HOH I 3 .  ? 4.999   0.161   -1.968  1.00 21.88 ? 221 HOH B O     1 
HETATM 577 O  O     . HOH I 3 .  ? -3.191  -2.630  0.690   1.00 14.67 ? 222 HOH B O     1 
HETATM 578 O  O     . HOH I 3 .  ? -4.343  -5.287  0.143   1.00 34.49 ? 223 HOH B O     1 
HETATM 579 O  O     . HOH I 3 .  ? 5.866   2.925   -1.901  1.00 38.93 ? 224 HOH B O     1 
HETATM 580 O  O     . HOH I 3 .  ? 7.979   2.205   -6.463  1.00 18.70 ? 225 HOH B O     1 
HETATM 581 O  O     . HOH I 3 .  ? 9.530   3.101   -4.412  1.00 18.53 ? 226 HOH B O     1 
HETATM 582 O  O     . HOH I 3 .  ? 6.516   -0.170  -5.788  1.00 23.46 ? 227 HOH B O     1 
HETATM 583 O  O     . HOH I 3 .  ? 3.746   -2.284  -5.603  1.00 22.63 ? 228 HOH B O     1 
HETATM 584 O  O     . HOH I 3 .  ? -0.714  -3.817  -4.308  1.00 18.93 ? 229 HOH B O     1 
HETATM 585 O  O     . HOH I 3 .  ? -0.151  -2.800  9.913   1.00 27.95 ? 230 HOH B O     1 
HETATM 586 O  O     . HOH I 3 .  ? -0.096  -10.857 -7.946  1.00 30.14 ? 231 HOH B O     1 
HETATM 587 O  O     . HOH I 3 .  ? -11.200 5.798   2.853   1.00 19.13 ? 232 HOH B O     1 
HETATM 588 O  O     . HOH I 3 .  ? -9.416  0.923   -9.682  1.00 21.02 ? 233 HOH B O     1 
HETATM 589 O  O     . HOH I 3 .  ? -9.837  2.118   0.021   1.00 22.55 ? 234 HOH B O     1 
HETATM 590 O  O     . HOH I 3 .  ? -4.903  -4.242  4.204   1.00 22.81 ? 235 HOH B O     1 
HETATM 591 O  O     . HOH I 3 .  ? 1.887   -4.015  -11.509 1.00 28.31 ? 236 HOH B O     1 
HETATM 592 O  O     . HOH I 3 .  ? -12.763 4.445   -0.887  1.00 19.77 ? 237 HOH B O     1 
HETATM 593 O  O     . HOH I 3 .  ? -9.873  2.591   4.245   1.00 24.66 ? 238 HOH B O     1 
HETATM 594 O  O     . HOH I 3 .  ? -0.536  -12.807 -2.087  1.00 28.28 ? 239 HOH B O     1 
HETATM 595 O  O     . HOH I 3 .  ? -6.798  8.225   -5.915  1.00 24.58 ? 240 HOH B O     1 
HETATM 596 O  O     . HOH I 3 .  ? -11.674 1.195   2.351   1.00 22.49 ? 241 HOH B O     1 
HETATM 597 O  O     . HOH I 3 .  ? -8.215  1.080   2.478   1.00 20.96 ? 242 HOH B O     1 
HETATM 598 O  O     . HOH I 3 .  ? -2.249  -11.192 -6.743  1.00 14.86 ? 243 HOH B O     1 
HETATM 599 O  O     . HOH I 3 .  ? 0.396   -13.506 -0.017  1.00 31.37 ? 244 HOH B O     1 
HETATM 600 O  O     . HOH I 3 .  ? -10.452 4.193   0.784   1.00 26.12 ? 245 HOH B O     1 
HETATM 601 O  O     . HOH I 3 .  ? 11.984  -4.708  -11.304 1.00 28.61 ? 246 HOH B O     1 
HETATM 602 O  O     . HOH I 3 .  ? -1.496  -9.407  -5.268  1.00 33.35 ? 247 HOH B O     1 
HETATM 603 O  O     . HOH I 3 .  ? -0.242  -12.257 4.718   1.00 25.69 ? 248 HOH B O     1 
HETATM 604 O  O     . HOH I 3 .  ? -9.090  -1.980  5.111   1.00 24.29 ? 249 HOH B O     1 
HETATM 605 O  O     . HOH I 3 .  ? -13.064 3.962   1.939   1.00 22.62 ? 250 HOH B O     1 
HETATM 606 O  O     . HOH I 3 .  ? -12.453 7.311   0.081   1.00 22.99 ? 251 HOH B O     1 
HETATM 607 O  O     . HOH I 3 .  ? -15.084 7.517   -2.244  1.00 21.41 ? 252 HOH B O     1 
HETATM 608 O  O     . HOH I 3 .  ? -15.601 10.623  -5.800  1.00 25.73 ? 253 HOH B O     1 
HETATM 609 O  O     . HOH I 3 .  ? -9.248  6.699   9.654   0.50 21.95 ? 254 HOH B O     1 
HETATM 610 O  O     . HOH I 3 .  ? -8.903  7.240   -9.075  1.00 32.62 ? 255 HOH B O     1 
HETATM 611 O  O     . HOH I 3 .  ? -3.030  -6.107  1.704   1.00 30.60 ? 256 HOH B O     1 
HETATM 612 O  O     . HOH I 3 .  ? 2.992   -4.702  -5.222  1.00 30.19 ? 257 HOH B O     1 
HETATM 613 O  O     . HOH I 3 .  ? 8.724   -3.883  -13.171 1.00 26.29 ? 258 HOH B O     1 
HETATM 614 O  O     . HOH I 3 .  ? -8.407  -4.276  6.280   1.00 34.92 ? 259 HOH B O     1 
HETATM 615 O  O     . HOH I 3 .  ? -0.945  -6.841  -6.712  1.00 35.58 ? 260 HOH B O     1 
# 
